data_6BST
# 
_entry.id   6BST 
# 
_audit_conform.dict_name       mmcif_pdbx.dic 
_audit_conform.dict_version    5.379 
_audit_conform.dict_location   http://mmcif.pdb.org/dictionaries/ascii/mmcif_pdbx.dic 
# 
loop_
_database_2.database_id 
_database_2.database_code 
_database_2.pdbx_database_accession 
_database_2.pdbx_DOI 
PDB   6BST         pdb_00006bst 10.2210/pdb6bst/pdb 
WWPDB D_1000231392 ?            ?                   
# 
_pdbx_database_PDB_obs_spr.id               SPRSDE 
_pdbx_database_PDB_obs_spr.date             2017-12-20 
_pdbx_database_PDB_obs_spr.pdb_id           6BST 
_pdbx_database_PDB_obs_spr.replace_pdb_id   6B01 
_pdbx_database_PDB_obs_spr.details          ? 
# 
_pdbx_database_status.status_code                     REL 
_pdbx_database_status.status_code_sf                  REL 
_pdbx_database_status.status_code_mr                  ? 
_pdbx_database_status.entry_id                        6BST 
_pdbx_database_status.recvd_initial_deposition_date   2017-12-04 
_pdbx_database_status.SG_entry                        N 
_pdbx_database_status.deposit_site                    RCSB 
_pdbx_database_status.process_site                    RCSB 
_pdbx_database_status.status_code_cs                  ? 
_pdbx_database_status.methods_development_category    ? 
_pdbx_database_status.pdb_format_compatible           Y 
_pdbx_database_status.status_code_nmr_data            ? 
# 
loop_
_audit_author.name 
_audit_author.pdbx_ordinal 
_audit_author.identifier_ORCID 
'LUO, Z.'    1 ? 
'DAUTER, Z.' 2 ? 
# 
_citation.abstract                  ? 
_citation.abstract_id_CAS           ? 
_citation.book_id_ISBN              ? 
_citation.book_publisher            ? 
_citation.book_publisher_city       ? 
_citation.book_title                ? 
_citation.coordinate_linkage        ? 
_citation.country                   GW 
_citation.database_id_Medline       ? 
_citation.details                   ? 
_citation.id                        primary 
_citation.journal_abbrev            'J. Biol. Inorg. Chem.' 
_citation.journal_id_ASTM           JJBCFA 
_citation.journal_id_CSD            ? 
_citation.journal_id_ISSN           1432-1327 
_citation.journal_full              ? 
_citation.journal_issue             ? 
_citation.journal_volume            23 
_citation.language                  ? 
_citation.page_first                253 
_citation.page_last                 259 
_citation.title                     'The crystal structure of Z-DNA with untypically coordinated Ca' 
_citation.year                      2018 
_citation.database_id_CSD           ? 
_citation.pdbx_database_id_DOI      10.1007/s00775-017-1526-4 
_citation.pdbx_database_id_PubMed   29270817 
_citation.unpublished_flag          ? 
# 
loop_
_citation_author.citation_id 
_citation_author.name 
_citation_author.ordinal 
_citation_author.identifier_ORCID 
primary 'Luo, Z.'    1 ? 
primary 'Dauter, Z.' 2 ? 
# 
_cell.angle_alpha                  90.00 
_cell.angle_alpha_esd              ? 
_cell.angle_beta                   90.00 
_cell.angle_beta_esd               ? 
_cell.angle_gamma                  90.00 
_cell.angle_gamma_esd              ? 
_cell.entry_id                     6BST 
_cell.details                      ? 
_cell.formula_units_Z              ? 
_cell.length_a                     17.760 
_cell.length_a_esd                 ? 
_cell.length_b                     28.820 
_cell.length_b_esd                 ? 
_cell.length_c                     42.360 
_cell.length_c_esd                 ? 
_cell.volume                       ? 
_cell.volume_esd                   ? 
_cell.Z_PDB                        8 
_cell.reciprocal_angle_alpha       ? 
_cell.reciprocal_angle_beta        ? 
_cell.reciprocal_angle_gamma       ? 
_cell.reciprocal_angle_alpha_esd   ? 
_cell.reciprocal_angle_beta_esd    ? 
_cell.reciprocal_angle_gamma_esd   ? 
_cell.reciprocal_length_a          ? 
_cell.reciprocal_length_b          ? 
_cell.reciprocal_length_c          ? 
_cell.reciprocal_length_a_esd      ? 
_cell.reciprocal_length_b_esd      ? 
_cell.reciprocal_length_c_esd      ? 
_cell.pdbx_unique_axis             ? 
# 
_symmetry.entry_id                         6BST 
_symmetry.cell_setting                     ? 
_symmetry.Int_Tables_number                19 
_symmetry.space_group_name_Hall            ? 
_symmetry.space_group_name_H-M             'P 21 21 21' 
_symmetry.pdbx_full_space_group_name_H-M   ? 
# 
loop_
_entity.id 
_entity.type 
_entity.src_method 
_entity.pdbx_description 
_entity.formula_weight 
_entity.pdbx_number_of_molecules 
_entity.pdbx_ec 
_entity.pdbx_mutation 
_entity.pdbx_fragment 
_entity.details 
1 polymer     syn 
;DNA (5'-D(*CP*GP*CP*GP*CP*G)-3')
;
1810.205 2  ? ? ? ? 
2 non-polymer syn 'N~1~-(3-azaniumylpropyl)butane-1,4-diaminium' 148.270  1  ? ? ? ? 
3 non-polymer syn 'CALCIUM ION'                                  40.078   1  ? ? ? ? 
4 water       nat water                                          18.015   34 ? ? ? ? 
# 
_entity_poly.entity_id                      1 
_entity_poly.type                           polydeoxyribonucleotide 
_entity_poly.nstd_linkage                   no 
_entity_poly.nstd_monomer                   no 
_entity_poly.pdbx_seq_one_letter_code       '(DC)(DG)(DC)(DG)(DC)(DG)' 
_entity_poly.pdbx_seq_one_letter_code_can   CGCGCG 
_entity_poly.pdbx_strand_id                 A,B 
_entity_poly.pdbx_target_identifier         ? 
# 
loop_
_entity_poly_seq.entity_id 
_entity_poly_seq.num 
_entity_poly_seq.mon_id 
_entity_poly_seq.hetero 
1 1 DC n 
1 2 DG n 
1 3 DC n 
1 4 DG n 
1 5 DC n 
1 6 DG n 
# 
_pdbx_entity_src_syn.entity_id              1 
_pdbx_entity_src_syn.pdbx_src_id            1 
_pdbx_entity_src_syn.pdbx_alt_source_flag   sample 
_pdbx_entity_src_syn.pdbx_beg_seq_num       1 
_pdbx_entity_src_syn.pdbx_end_seq_num       6 
_pdbx_entity_src_syn.organism_scientific    'synthetic construct' 
_pdbx_entity_src_syn.organism_common_name   ? 
_pdbx_entity_src_syn.ncbi_taxonomy_id       32630 
_pdbx_entity_src_syn.details                ? 
# 
_struct_ref.id                         1 
_struct_ref.db_name                    PDB 
_struct_ref.db_code                    6BST 
_struct_ref.pdbx_db_accession          6BST 
_struct_ref.pdbx_db_isoform            ? 
_struct_ref.entity_id                  1 
_struct_ref.pdbx_seq_one_letter_code   ? 
_struct_ref.pdbx_align_begin           1 
# 
loop_
_struct_ref_seq.align_id 
_struct_ref_seq.ref_id 
_struct_ref_seq.pdbx_PDB_id_code 
_struct_ref_seq.pdbx_strand_id 
_struct_ref_seq.seq_align_beg 
_struct_ref_seq.pdbx_seq_align_beg_ins_code 
_struct_ref_seq.seq_align_end 
_struct_ref_seq.pdbx_seq_align_end_ins_code 
_struct_ref_seq.pdbx_db_accession 
_struct_ref_seq.db_align_beg 
_struct_ref_seq.pdbx_db_align_beg_ins_code 
_struct_ref_seq.db_align_end 
_struct_ref_seq.pdbx_db_align_end_ins_code 
_struct_ref_seq.pdbx_auth_seq_align_beg 
_struct_ref_seq.pdbx_auth_seq_align_end 
1 1 6BST A 1 ? 6 ? 6BST 1 ? 6  ? 1 6  
2 1 6BST B 1 ? 6 ? 6BST 7 ? 12 ? 7 12 
# 
loop_
_chem_comp.id 
_chem_comp.type 
_chem_comp.mon_nstd_flag 
_chem_comp.name 
_chem_comp.pdbx_synonyms 
_chem_comp.formula 
_chem_comp.formula_weight 
CA  non-polymer   . 'CALCIUM ION'                                  ?                                   'Ca 2'            40.078  
DC  'DNA linking' y "2'-DEOXYCYTIDINE-5'-MONOPHOSPHATE"            ?                                   'C9 H14 N3 O7 P'  307.197 
DG  'DNA linking' y "2'-DEOXYGUANOSINE-5'-MONOPHOSPHATE"           ?                                   'C10 H14 N5 O7 P' 347.221 
HOH non-polymer   . WATER                                          ?                                   'H2 O'            18.015  
SR0 non-polymer   . 'N~1~-(3-azaniumylpropyl)butane-1,4-diaminium' 'spermidine, fully protonated form' 'C7 H22 N3 3'     148.270 
# 
_exptl.absorpt_coefficient_mu     ? 
_exptl.absorpt_correction_T_max   ? 
_exptl.absorpt_correction_T_min   ? 
_exptl.absorpt_correction_type    ? 
_exptl.absorpt_process_details    ? 
_exptl.entry_id                   6BST 
_exptl.crystals_number            1 
_exptl.details                    ? 
_exptl.method                     'X-RAY DIFFRACTION' 
_exptl.method_details             ? 
# 
_exptl_crystal.colour                      ? 
_exptl_crystal.density_diffrn              ? 
_exptl_crystal.density_Matthews            1.50 
_exptl_crystal.density_method              ? 
_exptl_crystal.density_percent_sol         17.85 
_exptl_crystal.description                 ? 
_exptl_crystal.F_000                       ? 
_exptl_crystal.id                          1 
_exptl_crystal.preparation                 ? 
_exptl_crystal.size_max                    ? 
_exptl_crystal.size_mid                    ? 
_exptl_crystal.size_min                    ? 
_exptl_crystal.size_rad                    ? 
_exptl_crystal.colour_lustre               ? 
_exptl_crystal.colour_modifier             ? 
_exptl_crystal.colour_primary              ? 
_exptl_crystal.density_meas                ? 
_exptl_crystal.density_meas_esd            ? 
_exptl_crystal.density_meas_gt             ? 
_exptl_crystal.density_meas_lt             ? 
_exptl_crystal.density_meas_temp           ? 
_exptl_crystal.density_meas_temp_esd       ? 
_exptl_crystal.density_meas_temp_gt        ? 
_exptl_crystal.density_meas_temp_lt        ? 
_exptl_crystal.pdbx_crystal_image_url      ? 
_exptl_crystal.pdbx_crystal_image_format   ? 
_exptl_crystal.pdbx_mosaicity              ? 
_exptl_crystal.pdbx_mosaicity_esd          ? 
# 
_exptl_crystal_grow.apparatus       ? 
_exptl_crystal_grow.atmosphere      ? 
_exptl_crystal_grow.crystal_id      1 
_exptl_crystal_grow.details         ? 
_exptl_crystal_grow.method          'VAPOR DIFFUSION, SITTING DROP' 
_exptl_crystal_grow.method_ref      ? 
_exptl_crystal_grow.pH              ? 
_exptl_crystal_grow.pressure        ? 
_exptl_crystal_grow.pressure_esd    ? 
_exptl_crystal_grow.seeding         ? 
_exptl_crystal_grow.seeding_ref     ? 
_exptl_crystal_grow.temp            293 
_exptl_crystal_grow.temp_details    ? 
_exptl_crystal_grow.temp_esd        ? 
_exptl_crystal_grow.time            ? 
_exptl_crystal_grow.pdbx_details    
;0.6 UL 0.4 MM D(CGCGCG)2 SOLUTION MIXED WITH 1.2UL OF THE PRECIPITANT SOLUTION CONSISTING OF 10 MM CACL2, 40 MM NA CACODYLATE PH 6.0, 10% MPD, EQUILIBRATED AGAINST THE WELL SOLUTION OF 35 % MPD, 6 MM SPERMIDINE
;
_exptl_crystal_grow.pdbx_pH_range   ? 
# 
_diffrn.ambient_environment    ? 
_diffrn.ambient_temp           100 
_diffrn.ambient_temp_details   ? 
_diffrn.ambient_temp_esd       ? 
_diffrn.crystal_id             1 
_diffrn.crystal_support        ? 
_diffrn.crystal_treatment      ? 
_diffrn.details                ? 
_diffrn.id                     1 
_diffrn.ambient_pressure       ? 
_diffrn.ambient_pressure_esd   ? 
_diffrn.ambient_pressure_gt    ? 
_diffrn.ambient_pressure_lt    ? 
_diffrn.ambient_temp_gt        ? 
_diffrn.ambient_temp_lt        ? 
# 
_diffrn_detector.details                      ? 
_diffrn_detector.detector                     CCD 
_diffrn_detector.diffrn_id                    1 
_diffrn_detector.type                         'RAYONIX MX300-HS' 
_diffrn_detector.area_resol_mean              ? 
_diffrn_detector.dtime                        ? 
_diffrn_detector.pdbx_frames_total            ? 
_diffrn_detector.pdbx_collection_time_total   ? 
_diffrn_detector.pdbx_collection_date         2015-06-26 
# 
_diffrn_radiation.collimation                      ? 
_diffrn_radiation.diffrn_id                        1 
_diffrn_radiation.filter_edge                      ? 
_diffrn_radiation.inhomogeneity                    ? 
_diffrn_radiation.monochromator                    ? 
_diffrn_radiation.polarisn_norm                    ? 
_diffrn_radiation.polarisn_ratio                   ? 
_diffrn_radiation.probe                            ? 
_diffrn_radiation.type                             ? 
_diffrn_radiation.xray_symbol                      ? 
_diffrn_radiation.wavelength_id                    1 
_diffrn_radiation.pdbx_monochromatic_or_laue_m_l   M 
_diffrn_radiation.pdbx_wavelength_list             ? 
_diffrn_radiation.pdbx_wavelength                  ? 
_diffrn_radiation.pdbx_diffrn_protocol             'SINGLE WAVELENGTH' 
_diffrn_radiation.pdbx_analyzer                    ? 
_diffrn_radiation.pdbx_scattering_type             x-ray 
# 
_diffrn_radiation_wavelength.id           1 
_diffrn_radiation_wavelength.wavelength   0.992 
_diffrn_radiation_wavelength.wt           1.0 
# 
_diffrn_source.current                     ? 
_diffrn_source.details                     ? 
_diffrn_source.diffrn_id                   1 
_diffrn_source.power                       ? 
_diffrn_source.size                        ? 
_diffrn_source.source                      SYNCHROTRON 
_diffrn_source.target                      ? 
_diffrn_source.type                        'APS BEAMLINE 22-ID' 
_diffrn_source.voltage                     ? 
_diffrn_source.take-off_angle              ? 
_diffrn_source.pdbx_wavelength_list        0.992 
_diffrn_source.pdbx_wavelength             ? 
_diffrn_source.pdbx_synchrotron_beamline   22-ID 
_diffrn_source.pdbx_synchrotron_site       APS 
# 
_reflns.B_iso_Wilson_estimate            ? 
_reflns.entry_id                         6BST 
_reflns.data_reduction_details           ? 
_reflns.data_reduction_method            ? 
_reflns.d_resolution_high                1.45 
_reflns.d_resolution_low                 24.0 
_reflns.details                          ? 
_reflns.limit_h_max                      ? 
_reflns.limit_h_min                      ? 
_reflns.limit_k_max                      ? 
_reflns.limit_k_min                      ? 
_reflns.limit_l_max                      ? 
_reflns.limit_l_min                      ? 
_reflns.number_all                       ? 
_reflns.number_obs                       4084 
_reflns.observed_criterion               ? 
_reflns.observed_criterion_F_max         ? 
_reflns.observed_criterion_F_min         ? 
_reflns.observed_criterion_I_max         ? 
_reflns.observed_criterion_I_min         ? 
_reflns.observed_criterion_sigma_F       ? 
_reflns.observed_criterion_sigma_I       ? 
_reflns.percent_possible_obs             98.2 
_reflns.R_free_details                   ? 
_reflns.Rmerge_F_all                     ? 
_reflns.Rmerge_F_obs                     ? 
_reflns.Friedel_coverage                 ? 
_reflns.number_gt                        ? 
_reflns.threshold_expression             ? 
_reflns.pdbx_redundancy                  5.5 
_reflns.pdbx_Rmerge_I_obs                0.086 
_reflns.pdbx_Rmerge_I_all                ? 
_reflns.pdbx_Rsym_value                  ? 
_reflns.pdbx_netI_over_av_sigmaI         ? 
_reflns.pdbx_netI_over_sigmaI            15.5 
_reflns.pdbx_res_netI_over_av_sigmaI_2   ? 
_reflns.pdbx_res_netI_over_sigmaI_2      ? 
_reflns.pdbx_chi_squared                 ? 
_reflns.pdbx_scaling_rejects             ? 
_reflns.pdbx_d_res_high_opt              ? 
_reflns.pdbx_d_res_low_opt               ? 
_reflns.pdbx_d_res_opt_method            ? 
_reflns.phase_calculation_details        ? 
_reflns.pdbx_Rrim_I_all                  0.096 
_reflns.pdbx_Rpim_I_all                  0.041 
_reflns.pdbx_d_opt                       ? 
_reflns.pdbx_number_measured_all         ? 
_reflns.pdbx_diffrn_id                   1 
_reflns.pdbx_ordinal                     1 
_reflns.pdbx_CC_half                     ? 
_reflns.pdbx_R_split                     ? 
# 
_reflns_shell.d_res_high                  1.45 
_reflns_shell.d_res_low                   1.50 
_reflns_shell.meanI_over_sigI_all         ? 
_reflns_shell.meanI_over_sigI_obs         1.6 
_reflns_shell.number_measured_all         ? 
_reflns_shell.number_measured_obs         ? 
_reflns_shell.number_possible             ? 
_reflns_shell.number_unique_all           ? 
_reflns_shell.number_unique_obs           357 
_reflns_shell.percent_possible_all        87.9 
_reflns_shell.percent_possible_obs        ? 
_reflns_shell.Rmerge_F_all                ? 
_reflns_shell.Rmerge_F_obs                ? 
_reflns_shell.Rmerge_I_all                ? 
_reflns_shell.Rmerge_I_obs                0.482 
_reflns_shell.meanI_over_sigI_gt          ? 
_reflns_shell.meanI_over_uI_all           ? 
_reflns_shell.meanI_over_uI_gt            ? 
_reflns_shell.number_measured_gt          ? 
_reflns_shell.number_unique_gt            ? 
_reflns_shell.percent_possible_gt         ? 
_reflns_shell.Rmerge_F_gt                 ? 
_reflns_shell.Rmerge_I_gt                 ? 
_reflns_shell.pdbx_redundancy             2.9 
_reflns_shell.pdbx_Rsym_value             ? 
_reflns_shell.pdbx_chi_squared            ? 
_reflns_shell.pdbx_netI_over_sigmaI_all   ? 
_reflns_shell.pdbx_netI_over_sigmaI_obs   ? 
_reflns_shell.pdbx_Rrim_I_all             0.577 
_reflns_shell.pdbx_Rpim_I_all             0.308 
_reflns_shell.pdbx_rejects                ? 
_reflns_shell.pdbx_ordinal                1 
_reflns_shell.pdbx_diffrn_id              1 
_reflns_shell.pdbx_CC_half                0.794 
_reflns_shell.pdbx_R_split                ? 
# 
_refine.aniso_B[1][1]                            -0.62 
_refine.aniso_B[1][2]                            0.00 
_refine.aniso_B[1][3]                            0.00 
_refine.aniso_B[2][2]                            -0.18 
_refine.aniso_B[2][3]                            0.00 
_refine.aniso_B[3][3]                            0.80 
_refine.B_iso_max                                ? 
_refine.B_iso_mean                               18.8 
_refine.B_iso_min                                ? 
_refine.correlation_coeff_Fo_to_Fc               0.984 
_refine.correlation_coeff_Fo_to_Fc_free          ? 
_refine.details                                  'HYDROGENS HAVE BEEN ADDED IN THE RIDING POSITIONS' 
_refine.diff_density_max                         ? 
_refine.diff_density_max_esd                     ? 
_refine.diff_density_min                         ? 
_refine.diff_density_min_esd                     ? 
_refine.diff_density_rms                         ? 
_refine.diff_density_rms_esd                     ? 
_refine.entry_id                                 6BST 
_refine.pdbx_refine_id                           'X-RAY DIFFRACTION' 
_refine.ls_abs_structure_details                 ? 
_refine.ls_abs_structure_Flack                   ? 
_refine.ls_abs_structure_Flack_esd               ? 
_refine.ls_abs_structure_Rogers                  ? 
_refine.ls_abs_structure_Rogers_esd              ? 
_refine.ls_d_res_high                            1.45 
_refine.ls_d_res_low                             24.0 
_refine.ls_extinction_coef                       ? 
_refine.ls_extinction_coef_esd                   ? 
_refine.ls_extinction_expression                 ? 
_refine.ls_extinction_method                     ? 
_refine.ls_goodness_of_fit_all                   ? 
_refine.ls_goodness_of_fit_all_esd               ? 
_refine.ls_goodness_of_fit_obs                   ? 
_refine.ls_goodness_of_fit_obs_esd               ? 
_refine.ls_hydrogen_treatment                    ? 
_refine.ls_matrix_type                           ? 
_refine.ls_number_constraints                    ? 
_refine.ls_number_parameters                     ? 
_refine.ls_number_reflns_all                     ? 
_refine.ls_number_reflns_obs                     4083 
_refine.ls_number_reflns_R_free                  209 
_refine.ls_number_reflns_R_work                  ? 
_refine.ls_number_restraints                     ? 
_refine.ls_percent_reflns_obs                    98.15 
_refine.ls_percent_reflns_R_free                 5 
_refine.ls_R_factor_all                          ? 
_refine.ls_R_factor_obs                          0.121 
_refine.ls_R_factor_R_free                       0.172 
_refine.ls_R_factor_R_free_error                 ? 
_refine.ls_R_factor_R_free_error_details         ? 
_refine.ls_R_factor_R_work                       0.121 
_refine.ls_R_Fsqd_factor_obs                     ? 
_refine.ls_R_I_factor_obs                        ? 
_refine.ls_redundancy_reflns_all                 ? 
_refine.ls_redundancy_reflns_obs                 ? 
_refine.ls_restrained_S_all                      ? 
_refine.ls_restrained_S_obs                      ? 
_refine.ls_shift_over_esd_max                    ? 
_refine.ls_shift_over_esd_mean                   ? 
_refine.ls_structure_factor_coef                 ? 
_refine.ls_weighting_details                     ? 
_refine.ls_weighting_scheme                      ? 
_refine.ls_wR_factor_all                         ? 
_refine.ls_wR_factor_obs                         ? 
_refine.ls_wR_factor_R_free                      ? 
_refine.ls_wR_factor_R_work                      ? 
_refine.occupancy_max                            ? 
_refine.occupancy_min                            ? 
_refine.solvent_model_details                    ? 
_refine.solvent_model_param_bsol                 ? 
_refine.solvent_model_param_ksol                 ? 
_refine.ls_R_factor_gt                           ? 
_refine.ls_goodness_of_fit_gt                    ? 
_refine.ls_goodness_of_fit_ref                   ? 
_refine.ls_shift_over_su_max                     ? 
_refine.ls_shift_over_su_max_lt                  ? 
_refine.ls_shift_over_su_mean                    ? 
_refine.ls_shift_over_su_mean_lt                 ? 
_refine.pdbx_ls_sigma_I                          ? 
_refine.pdbx_ls_sigma_F                          ? 
_refine.pdbx_ls_sigma_Fsqd                       ? 
_refine.pdbx_data_cutoff_high_absF               ? 
_refine.pdbx_data_cutoff_high_rms_absF           ? 
_refine.pdbx_data_cutoff_low_absF                ? 
_refine.pdbx_isotropic_thermal_model             ? 
_refine.pdbx_ls_cross_valid_method               'FREE R-VALUE' 
_refine.pdbx_method_to_determine_struct          'MOLECULAR REPLACEMENT' 
_refine.pdbx_starting_model                      3P4J 
_refine.pdbx_stereochemistry_target_values       ? 
_refine.pdbx_R_Free_selection_details            ? 
_refine.pdbx_stereochem_target_val_spec_case     ? 
_refine.pdbx_overall_ESU_R                       0.078 
_refine.pdbx_overall_ESU_R_Free                  ? 
_refine.pdbx_solvent_vdw_probe_radii             1.20 
_refine.pdbx_solvent_ion_probe_radii             0.80 
_refine.pdbx_solvent_shrinkage_radii             0.80 
_refine.pdbx_real_space_R                        ? 
_refine.pdbx_density_correlation                 ? 
_refine.pdbx_pd_number_of_powder_patterns        ? 
_refine.pdbx_pd_number_of_points                 ? 
_refine.pdbx_pd_meas_number_of_points            ? 
_refine.pdbx_pd_proc_ls_prof_R_factor            ? 
_refine.pdbx_pd_proc_ls_prof_wR_factor           ? 
_refine.pdbx_pd_Marquardt_correlation_coeff      ? 
_refine.pdbx_pd_Fsqrd_R_factor                   ? 
_refine.pdbx_pd_ls_matrix_band_width             ? 
_refine.pdbx_overall_phase_error                 ? 
_refine.pdbx_overall_SU_R_free_Cruickshank_DPI   ? 
_refine.pdbx_overall_SU_R_free_Blow_DPI          ? 
_refine.pdbx_overall_SU_R_Blow_DPI               ? 
_refine.pdbx_TLS_residual_ADP_flag               ? 
_refine.pdbx_diffrn_id                           1 
_refine.overall_SU_B                             ? 
_refine.overall_SU_ML                            ? 
_refine.overall_SU_R_Cruickshank_DPI             ? 
_refine.overall_SU_R_free                        ? 
_refine.overall_FOM_free_R_set                   ? 
_refine.overall_FOM_work_R_set                   ? 
_refine.pdbx_average_fsc_overall                 ? 
_refine.pdbx_average_fsc_work                    ? 
_refine.pdbx_average_fsc_free                    ? 
# 
_refine_hist.pdbx_refine_id                   'X-RAY DIFFRACTION' 
_refine_hist.cycle_id                         1 
_refine_hist.pdbx_number_atoms_protein        0 
_refine_hist.pdbx_number_atoms_nucleic_acid   240 
_refine_hist.pdbx_number_atoms_ligand         11 
_refine_hist.number_atoms_solvent             34 
_refine_hist.number_atoms_total               285 
_refine_hist.d_res_high                       1.45 
_refine_hist.d_res_low                        24.0 
# 
loop_
_refine_ls_restr.pdbx_refine_id 
_refine_ls_restr.criterion 
_refine_ls_restr.dev_ideal 
_refine_ls_restr.dev_ideal_target 
_refine_ls_restr.number 
_refine_ls_restr.rejects 
_refine_ls_restr.type 
_refine_ls_restr.weight 
_refine_ls_restr.pdbx_restraint_function 
'X-RAY DIFFRACTION' ? 0.010  0.010  281 ? r_bond_refined_d             ? ? 
'X-RAY DIFFRACTION' ? 0.001  0.020  156 ? r_bond_other_d               ? ? 
'X-RAY DIFFRACTION' ? 1.610  1.120  426 ? r_angle_refined_deg          ? ? 
'X-RAY DIFFRACTION' ? 8.193  3.000  366 ? r_angle_other_deg            ? ? 
'X-RAY DIFFRACTION' ? ?      ?      ?   ? r_dihedral_angle_1_deg       ? ? 
'X-RAY DIFFRACTION' ? ?      ?      ?   ? r_dihedral_angle_2_deg       ? ? 
'X-RAY DIFFRACTION' ? ?      ?      ?   ? r_dihedral_angle_3_deg       ? ? 
'X-RAY DIFFRACTION' ? ?      ?      ?   ? r_dihedral_angle_4_deg       ? ? 
'X-RAY DIFFRACTION' ? 0.092  0.200  36  ? r_chiral_restr               ? ? 
'X-RAY DIFFRACTION' ? 0.026  0.020  146 ? r_gen_planes_refined         ? ? 
'X-RAY DIFFRACTION' ? 0.027  0.020  68  ? r_gen_planes_other           ? ? 
'X-RAY DIFFRACTION' ? ?      ?      ?   ? r_nbd_refined                ? ? 
'X-RAY DIFFRACTION' ? ?      ?      ?   ? r_nbd_other                  ? ? 
'X-RAY DIFFRACTION' ? ?      ?      ?   ? r_nbtor_refined              ? ? 
'X-RAY DIFFRACTION' ? ?      ?      ?   ? r_nbtor_other                ? ? 
'X-RAY DIFFRACTION' ? ?      ?      ?   ? r_xyhbond_nbd_refined        ? ? 
'X-RAY DIFFRACTION' ? ?      ?      ?   ? r_xyhbond_nbd_other          ? ? 
'X-RAY DIFFRACTION' ? ?      ?      ?   ? r_metal_ion_refined          ? ? 
'X-RAY DIFFRACTION' ? ?      ?      ?   ? r_metal_ion_other            ? ? 
'X-RAY DIFFRACTION' ? ?      ?      ?   ? r_symmetry_vdw_refined       ? ? 
'X-RAY DIFFRACTION' ? ?      ?      ?   ? r_symmetry_vdw_other         ? ? 
'X-RAY DIFFRACTION' ? ?      ?      ?   ? r_symmetry_hbond_refined     ? ? 
'X-RAY DIFFRACTION' ? ?      ?      ?   ? r_symmetry_hbond_other       ? ? 
'X-RAY DIFFRACTION' ? ?      ?      ?   ? r_symmetry_metal_ion_refined ? ? 
'X-RAY DIFFRACTION' ? ?      ?      ?   ? r_symmetry_metal_ion_other   ? ? 
'X-RAY DIFFRACTION' ? ?      ?      ?   ? r_mcbond_it                  ? ? 
'X-RAY DIFFRACTION' ? ?      ?      ?   ? r_mcbond_other               ? ? 
'X-RAY DIFFRACTION' ? ?      ?      ?   ? r_mcangle_it                 ? ? 
'X-RAY DIFFRACTION' ? ?      ?      ?   ? r_mcangle_other              ? ? 
'X-RAY DIFFRACTION' ? 3.656  3.293  281 ? r_scbond_it                  ? ? 
'X-RAY DIFFRACTION' ? 3.670  3.294  280 ? r_scbond_other               ? ? 
'X-RAY DIFFRACTION' ? ?      ?      ?   ? r_scangle_it                 ? ? 
'X-RAY DIFFRACTION' ? 4.251  6.106  426 ? r_scangle_other              ? ? 
'X-RAY DIFFRACTION' ? 3.476  14.693 393 ? r_long_range_B_refined       ? ? 
'X-RAY DIFFRACTION' ? 3.386  14.356 381 ? r_long_range_B_other         ? ? 
'X-RAY DIFFRACTION' ? 11.541 3.000  437 ? r_rigid_bond_restr           ? ? 
'X-RAY DIFFRACTION' ? 27.223 5.000  10  ? r_sphericity_free            ? ? 
'X-RAY DIFFRACTION' ? 11.421 5.000  435 ? r_sphericity_bonded          ? ? 
# 
_refine_ls_shell.pdbx_refine_id                   'X-RAY DIFFRACTION' 
_refine_ls_shell.d_res_high                       1.452 
_refine_ls_shell.d_res_low                        1.489 
_refine_ls_shell.number_reflns_all                ? 
_refine_ls_shell.number_reflns_obs                ? 
_refine_ls_shell.number_reflns_R_free             0 
_refine_ls_shell.number_reflns_R_work             255 
_refine_ls_shell.percent_reflns_obs               85.00 
_refine_ls_shell.percent_reflns_R_free            ? 
_refine_ls_shell.R_factor_all                     ? 
_refine_ls_shell.R_factor_obs                     ? 
_refine_ls_shell.R_factor_R_free                  0.216 
_refine_ls_shell.R_factor_R_free_error            ? 
_refine_ls_shell.R_factor_R_work                  0.217 
_refine_ls_shell.redundancy_reflns_all            ? 
_refine_ls_shell.redundancy_reflns_obs            ? 
_refine_ls_shell.wR_factor_all                    ? 
_refine_ls_shell.wR_factor_obs                    ? 
_refine_ls_shell.wR_factor_R_free                 ? 
_refine_ls_shell.wR_factor_R_work                 ? 
_refine_ls_shell.pdbx_total_number_of_bins_used   ? 
_refine_ls_shell.pdbx_phase_error                 ? 
_refine_ls_shell.pdbx_fsc_work                    ? 
_refine_ls_shell.pdbx_fsc_free                    ? 
# 
_struct.entry_id                     6BST 
_struct.title                        'CRYSTAL STRUCTURE OF Z-DNA WITH UNTYPICALLY COORDINATED CA2+ ION' 
_struct.pdbx_model_details           ? 
_struct.pdbx_formula_weight          ? 
_struct.pdbx_formula_weight_method   ? 
_struct.pdbx_model_type_details      ? 
_struct.pdbx_CASP_flag               N 
# 
_struct_keywords.entry_id        6BST 
_struct_keywords.text            'Z-DNA, CA2+, DNA' 
_struct_keywords.pdbx_keywords   DNA 
# 
loop_
_struct_asym.id 
_struct_asym.pdbx_blank_PDB_chainid_flag 
_struct_asym.pdbx_modified 
_struct_asym.entity_id 
_struct_asym.details 
A N N 1 ? 
B N N 1 ? 
C N N 2 ? 
D N N 3 ? 
E N N 4 ? 
F N N 4 ? 
# 
loop_
_struct_conn.id 
_struct_conn.conn_type_id 
_struct_conn.pdbx_leaving_atom_flag 
_struct_conn.pdbx_PDB_id 
_struct_conn.ptnr1_label_asym_id 
_struct_conn.ptnr1_label_comp_id 
_struct_conn.ptnr1_label_seq_id 
_struct_conn.ptnr1_label_atom_id 
_struct_conn.pdbx_ptnr1_label_alt_id 
_struct_conn.pdbx_ptnr1_PDB_ins_code 
_struct_conn.pdbx_ptnr1_standard_comp_id 
_struct_conn.ptnr1_symmetry 
_struct_conn.ptnr2_label_asym_id 
_struct_conn.ptnr2_label_comp_id 
_struct_conn.ptnr2_label_seq_id 
_struct_conn.ptnr2_label_atom_id 
_struct_conn.pdbx_ptnr2_label_alt_id 
_struct_conn.pdbx_ptnr2_PDB_ins_code 
_struct_conn.ptnr1_auth_asym_id 
_struct_conn.ptnr1_auth_comp_id 
_struct_conn.ptnr1_auth_seq_id 
_struct_conn.ptnr2_auth_asym_id 
_struct_conn.ptnr2_auth_comp_id 
_struct_conn.ptnr2_auth_seq_id 
_struct_conn.ptnr2_symmetry 
_struct_conn.pdbx_ptnr3_label_atom_id 
_struct_conn.pdbx_ptnr3_label_seq_id 
_struct_conn.pdbx_ptnr3_label_comp_id 
_struct_conn.pdbx_ptnr3_label_asym_id 
_struct_conn.pdbx_ptnr3_label_alt_id 
_struct_conn.pdbx_ptnr3_PDB_ins_code 
_struct_conn.details 
_struct_conn.pdbx_dist_value 
_struct_conn.pdbx_value_order 
_struct_conn.pdbx_role 
metalc1  metalc ? ? B DG 4 O6  ? ? ? 1_555 D CA  . CA ? ? B DG 10  B CA  101 4_456 ? ? ? ? ? ? ?            2.470 ? ? 
metalc2  metalc ? ? B DC 5 OP1 ? ? ? 1_555 D CA  . CA ? ? B DC 11  B CA  101 1_555 ? ? ? ? ? ? ?            2.278 ? ? 
metalc3  metalc ? ? B DG 6 O6  ? ? ? 1_555 D CA  . CA ? ? B DG 12  B CA  101 1_555 ? ? ? ? ? ? ?            2.570 ? ? 
metalc4  metalc ? ? D CA . CA  ? ? ? 1_555 F HOH . O  ? ? B CA 101 B HOH 212 1_555 ? ? ? ? ? ? ?            2.241 ? ? 
metalc5  metalc ? ? D CA . CA  ? ? ? 1_555 F HOH . O  ? ? B CA 101 B HOH 214 1_555 ? ? ? ? ? ? ?            2.441 ? ? 
hydrog1  hydrog ? ? A DC 1 N3  ? ? ? 1_555 B DG  6 N1 ? ? A DC 1   B DG  12  1_555 ? ? ? ? ? ? WATSON-CRICK ?     ? ? 
hydrog2  hydrog ? ? A DC 1 N4  ? ? ? 1_555 B DG  6 O6 ? ? A DC 1   B DG  12  1_555 ? ? ? ? ? ? WATSON-CRICK ?     ? ? 
hydrog3  hydrog ? ? A DC 1 O2  ? ? ? 1_555 B DG  6 N2 ? ? A DC 1   B DG  12  1_555 ? ? ? ? ? ? WATSON-CRICK ?     ? ? 
hydrog4  hydrog ? ? A DG 2 N1  ? ? ? 1_555 B DC  5 N3 ? ? A DG 2   B DC  11  1_555 ? ? ? ? ? ? WATSON-CRICK ?     ? ? 
hydrog5  hydrog ? ? A DG 2 N2  ? ? ? 1_555 B DC  5 O2 ? ? A DG 2   B DC  11  1_555 ? ? ? ? ? ? WATSON-CRICK ?     ? ? 
hydrog6  hydrog ? ? A DG 2 O6  ? ? ? 1_555 B DC  5 N4 ? ? A DG 2   B DC  11  1_555 ? ? ? ? ? ? WATSON-CRICK ?     ? ? 
hydrog7  hydrog ? ? A DC 3 N3  ? ? ? 1_555 B DG  4 N1 ? ? A DC 3   B DG  10  1_555 ? ? ? ? ? ? WATSON-CRICK ?     ? ? 
hydrog8  hydrog ? ? A DC 3 N4  ? ? ? 1_555 B DG  4 O6 ? ? A DC 3   B DG  10  1_555 ? ? ? ? ? ? WATSON-CRICK ?     ? ? 
hydrog9  hydrog ? ? A DC 3 O2  ? ? ? 1_555 B DG  4 N2 ? ? A DC 3   B DG  10  1_555 ? ? ? ? ? ? WATSON-CRICK ?     ? ? 
hydrog10 hydrog ? ? A DG 4 N1  ? ? ? 1_555 B DC  3 N3 ? ? A DG 4   B DC  9   1_555 ? ? ? ? ? ? WATSON-CRICK ?     ? ? 
hydrog11 hydrog ? ? A DG 4 N2  ? ? ? 1_555 B DC  3 O2 ? ? A DG 4   B DC  9   1_555 ? ? ? ? ? ? WATSON-CRICK ?     ? ? 
hydrog12 hydrog ? ? A DG 4 O6  ? ? ? 1_555 B DC  3 N4 ? ? A DG 4   B DC  9   1_555 ? ? ? ? ? ? WATSON-CRICK ?     ? ? 
hydrog13 hydrog ? ? A DC 5 N3  ? ? ? 1_555 B DG  2 N1 ? ? A DC 5   B DG  8   1_555 ? ? ? ? ? ? WATSON-CRICK ?     ? ? 
hydrog14 hydrog ? ? A DC 5 N4  ? ? ? 1_555 B DG  2 O6 ? ? A DC 5   B DG  8   1_555 ? ? ? ? ? ? WATSON-CRICK ?     ? ? 
hydrog15 hydrog ? ? A DC 5 O2  ? ? ? 1_555 B DG  2 N2 ? ? A DC 5   B DG  8   1_555 ? ? ? ? ? ? WATSON-CRICK ?     ? ? 
hydrog16 hydrog ? ? A DG 6 N1  ? ? ? 1_555 B DC  1 N3 ? ? A DG 6   B DC  7   1_555 ? ? ? ? ? ? WATSON-CRICK ?     ? ? 
hydrog17 hydrog ? ? A DG 6 N2  ? ? ? 1_555 B DC  1 O2 ? ? A DG 6   B DC  7   1_555 ? ? ? ? ? ? WATSON-CRICK ?     ? ? 
hydrog18 hydrog ? ? A DG 6 O6  ? ? ? 1_555 B DC  1 N4 ? ? A DG 6   B DC  7   1_555 ? ? ? ? ? ? WATSON-CRICK ?     ? ? 
# 
loop_
_struct_conn_type.id 
_struct_conn_type.criteria 
_struct_conn_type.reference 
metalc ? ? 
hydrog ? ? 
# 
loop_
_struct_site.id 
_struct_site.pdbx_evidence_code 
_struct_site.pdbx_auth_asym_id 
_struct_site.pdbx_auth_comp_id 
_struct_site.pdbx_auth_seq_id 
_struct_site.pdbx_auth_ins_code 
_struct_site.pdbx_num_residues 
_struct_site.details 
AC1 Software A SR0 101 ? 7 'binding site for residue SR0 A 101' 
AC2 Software B CA  101 ? 5 'binding site for residue CA B 101'  
# 
loop_
_struct_site_gen.id 
_struct_site_gen.site_id 
_struct_site_gen.pdbx_num_res 
_struct_site_gen.label_comp_id 
_struct_site_gen.label_asym_id 
_struct_site_gen.label_seq_id 
_struct_site_gen.pdbx_auth_ins_code 
_struct_site_gen.auth_comp_id 
_struct_site_gen.auth_asym_id 
_struct_site_gen.auth_seq_id 
_struct_site_gen.label_atom_id 
_struct_site_gen.label_alt_id 
_struct_site_gen.symmetry 
_struct_site_gen.details 
1  AC1 7 DG  A 2 ? DG  A 2   . ? 4_546 ? 
2  AC1 7 DC  A 3 ? DC  A 3   . ? 4_546 ? 
3  AC1 7 DC  A 3 ? DC  A 3   . ? 1_555 ? 
4  AC1 7 DG  A 4 ? DG  A 4   . ? 1_555 ? 
5  AC1 7 DC  A 5 ? DC  A 5   . ? 1_555 ? 
6  AC1 7 HOH E . ? HOH A 216 . ? 4_446 ? 
7  AC1 7 DG  B 6 ? DG  B 12  . ? 4_446 ? 
8  AC2 5 DG  B 4 ? DG  B 10  . ? 4_556 ? 
9  AC2 5 DC  B 5 ? DC  B 11  . ? 1_555 ? 
10 AC2 5 DG  B 6 ? DG  B 12  . ? 1_555 ? 
11 AC2 5 HOH F . ? HOH B 212 . ? 1_555 ? 
12 AC2 5 HOH F . ? HOH B 214 . ? 1_555 ? 
# 
_atom_sites.entry_id                    6BST 
_atom_sites.fract_transf_matrix[1][1]   -0.01845633 
_atom_sites.fract_transf_matrix[1][2]   0.00648655 
_atom_sites.fract_transf_matrix[1][3]   -0.05279824 
_atom_sites.fract_transf_matrix[2][1]   0.00321947 
_atom_sites.fract_transf_matrix[2][2]   -0.03413637 
_atom_sites.fract_transf_matrix[2][3]   -0.00531924 
_atom_sites.fract_transf_matrix[3][1]   -0.02219494 
_atom_sites.fract_transf_matrix[3][2]   -0.00324018 
_atom_sites.fract_transf_matrix[3][3]   0.00736046 
_atom_sites.fract_transf_vector[1]      0.195765 
_atom_sites.fract_transf_vector[2]      0.002302 
_atom_sites.fract_transf_vector[3]      0.396381 
# 
loop_
_atom_type.symbol 
C  
CA 
N  
O  
P  
# 
loop_
_atom_site.group_PDB 
_atom_site.id 
_atom_site.type_symbol 
_atom_site.label_atom_id 
_atom_site.label_alt_id 
_atom_site.label_comp_id 
_atom_site.label_asym_id 
_atom_site.label_entity_id 
_atom_site.label_seq_id 
_atom_site.pdbx_PDB_ins_code 
_atom_site.Cartn_x 
_atom_site.Cartn_y 
_atom_site.Cartn_z 
_atom_site.occupancy 
_atom_site.B_iso_or_equiv 
_atom_site.pdbx_formal_charge 
_atom_site.auth_seq_id 
_atom_site.auth_comp_id 
_atom_site.auth_asym_id 
_atom_site.auth_atom_id 
_atom_site.pdbx_PDB_model_num 
ATOM   1   O  "O5'" . DC  A 1 1 ? -6.528  -5.553  7.305  1.00 22.89 ? 1   DC  A "O5'" 1 
ATOM   2   C  "C5'" . DC  A 1 1 ? -5.817  -4.428  7.646  1.00 18.27 ? 1   DC  A "C5'" 1 
ATOM   3   C  "C4'" . DC  A 1 1 ? -6.275  -3.293  6.763  1.00 16.43 ? 1   DC  A "C4'" 1 
ATOM   4   O  "O4'" . DC  A 1 1 ? -6.041  -3.555  5.364  1.00 16.03 ? 1   DC  A "O4'" 1 
ATOM   5   C  "C3'" . DC  A 1 1 ? -7.742  -2.869  6.879  1.00 13.77 ? 1   DC  A "C3'" 1 
ATOM   6   O  "O3'" . DC  A 1 1 ? -7.914  -1.442  6.814  1.00 17.26 ? 1   DC  A "O3'" 1 
ATOM   7   C  "C2'" . DC  A 1 1 ? -8.362  -3.350  5.585  1.00 15.80 ? 1   DC  A "C2'" 1 
ATOM   8   C  "C1'" . DC  A 1 1 ? -7.197  -3.231  4.611  1.00 13.91 ? 1   DC  A "C1'" 1 
ATOM   9   N  N1    . DC  A 1 1 ? -7.270  -4.157  3.454  1.00 13.63 ? 1   DC  A N1    1 
ATOM   10  C  C2    . DC  A 1 1 ? -7.730  -3.675  2.216  1.00 12.52 ? 1   DC  A C2    1 
ATOM   11  O  O2    . DC  A 1 1 ? -7.998  -2.468  2.098  1.00 13.78 ? 1   DC  A O2    1 
ATOM   12  N  N3    . DC  A 1 1 ? -7.856  -4.538  1.179  1.00 13.76 ? 1   DC  A N3    1 
ATOM   13  C  C4    . DC  A 1 1 ? -7.558  -5.828  1.339  1.00 12.88 ? 1   DC  A C4    1 
ATOM   14  N  N4    . DC  A 1 1 ? -7.669  -6.632  0.271  1.00 13.18 ? 1   DC  A N4    1 
ATOM   15  C  C5    . DC  A 1 1 ? -7.133  -6.355  2.600  1.00 14.93 ? 1   DC  A C5    1 
ATOM   16  C  C6    . DC  A 1 1 ? -7.009  -5.493  3.619  1.00 12.89 ? 1   DC  A C6    1 
ATOM   17  P  P     . DG  A 1 2 ? -7.956  -0.497  8.096  1.00 17.45 ? 2   DG  A P     1 
ATOM   18  O  OP1   . DG  A 1 2 ? -8.677  -1.154  9.231  1.00 19.69 ? 2   DG  A OP1   1 
ATOM   19  O  OP2   . DG  A 1 2 ? -8.381  0.822   7.564  1.00 19.61 ? 2   DG  A OP2   1 
ATOM   20  O  "O5'" . DG  A 1 2 ? -6.438  -0.433  8.521  1.00 15.16 ? 2   DG  A "O5'" 1 
ATOM   21  C  "C5'" . DG  A 1 2 ? -5.496  0.228   7.649  1.00 15.19 ? 2   DG  A "C5'" 1 
ATOM   22  C  "C4'" . DG  A 1 2 ? -4.110  0.048   8.203  1.00 15.70 ? 2   DG  A "C4'" 1 
ATOM   23  O  "O4'" . DG  A 1 2 ? -3.863  -1.358  8.361  1.00 14.56 ? 2   DG  A "O4'" 1 
ATOM   24  C  "C3'" . DG  A 1 2 ? -2.951  0.611   7.368  1.00 17.63 ? 2   DG  A "C3'" 1 
ATOM   25  O  "O3'" . DG  A 1 2 ? -2.699  1.979   7.774  1.00 18.09 ? 2   DG  A "O3'" 1 
ATOM   26  C  "C2'" . DG  A 1 2 ? -1.836  -0.389  7.646  1.00 16.87 ? 2   DG  A "C2'" 1 
ATOM   27  C  "C1'" . DG  A 1 2 ? -2.508  -1.669  8.134  1.00 15.79 ? 2   DG  A "C1'" 1 
ATOM   28  N  N9    . DG  A 1 2 ? -2.480  -2.791  7.214  1.00 16.04 ? 2   DG  A N9    1 
ATOM   29  C  C8    . DG  A 1 2 ? -2.103  -4.078  7.516  1.00 17.44 ? 2   DG  A C8    1 
ATOM   30  N  N7    . DG  A 1 2 ? -2.220  -4.896  6.504  1.00 15.52 ? 2   DG  A N7    1 
ATOM   31  C  C5    . DG  A 1 2 ? -2.775  -4.119  5.497  1.00 13.98 ? 2   DG  A C5    1 
ATOM   32  C  C6    . DG  A 1 2 ? -3.132  -4.453  4.154  1.00 14.60 ? 2   DG  A C6    1 
ATOM   33  O  O6    . DG  A 1 2 ? -3.043  -5.556  3.610  1.00 17.79 ? 2   DG  A O6    1 
ATOM   34  N  N1    . DG  A 1 2 ? -3.653  -3.356  3.464  1.00 14.45 ? 2   DG  A N1    1 
ATOM   35  C  C2    . DG  A 1 2 ? -3.791  -2.094  3.993  1.00 13.24 ? 2   DG  A C2    1 
ATOM   36  N  N2    . DG  A 1 2 ? -4.329  -1.165  3.193  1.00 13.08 ? 2   DG  A N2    1 
ATOM   37  N  N3    . DG  A 1 2 ? -3.408  -1.760  5.220  1.00 12.96 ? 2   DG  A N3    1 
ATOM   38  C  C4    . DG  A 1 2 ? -2.950  -2.821  5.921  1.00 12.71 ? 2   DG  A C4    1 
ATOM   39  P  P     A DC  A 1 3 ? -2.705  3.181   6.699  0.50 12.20 ? 3   DC  A P     1 
ATOM   40  P  P     B DC  A 1 3 ? -1.346  2.766   7.421  0.50 26.64 ? 3   DC  A P     1 
ATOM   41  O  OP1   A DC  A 1 3 ? -2.442  4.438   7.456  0.50 15.99 ? 3   DC  A OP1   1 
ATOM   42  O  OP1   B DC  A 1 3 ? -0.123  2.045   7.867  0.50 41.71 ? 3   DC  A OP1   1 
ATOM   43  O  OP2   A DC  A 1 3 ? -3.914  3.170   5.867  0.50 11.95 ? 3   DC  A OP2   1 
ATOM   44  O  OP2   B DC  A 1 3 ? -1.536  4.156   7.933  0.50 37.30 ? 3   DC  A OP2   1 
ATOM   45  O  "O5'" . DC  A 1 3 ? -1.441  2.745   5.834  1.00 16.94 ? 3   DC  A "O5'" 1 
ATOM   46  C  "C5'" . DC  A 1 3 ? -0.653  3.653   5.075  1.00 14.28 ? 3   DC  A "C5'" 1 
ATOM   47  C  "C4'" . DC  A 1 3 ? -0.696  3.300   3.605  1.00 12.45 ? 3   DC  A "C4'" 1 
ATOM   48  O  "O4'" . DC  A 1 3 ? 0.003   2.041   3.389  1.00 13.82 ? 3   DC  A "O4'" 1 
ATOM   49  C  "C3'" . DC  A 1 3 ? -2.099  3.126   3.006  1.00 14.39 ? 3   DC  A "C3'" 1 
ATOM   50  O  "O3'" . DC  A 1 3 ? -2.098  3.588   1.647  1.00 18.03 ? 3   DC  A "O3'" 1 
ATOM   51  C  "C2'" . DC  A 1 3 ? -2.242  1.607   2.962  1.00 14.78 ? 3   DC  A "C2'" 1 
ATOM   52  C  "C1'" . DC  A 1 3 ? -0.808  1.200   2.612  1.00 13.24 ? 3   DC  A "C1'" 1 
ATOM   53  N  N1    . DC  A 1 3 ? -0.475  -0.178  2.954  1.00 11.26 ? 3   DC  A N1    1 
ATOM   54  C  C2    . DC  A 1 3 ? -0.727  -1.162  2.003  1.00 12.15 ? 3   DC  A C2    1 
ATOM   55  O  O2    . DC  A 1 3 ? -1.157  -0.819  0.881  1.00 13.75 ? 3   DC  A O2    1 
ATOM   56  N  N3    . DC  A 1 3 ? -0.472  -2.451  2.308  1.00 12.01 ? 3   DC  A N3    1 
ATOM   57  C  C4    . DC  A 1 3 ? -0.050  -2.778  3.531  1.00 14.55 ? 3   DC  A C4    1 
ATOM   58  N  N4    . DC  A 1 3 ? 0.190   -4.068  3.782  1.00 15.52 ? 3   DC  A N4    1 
ATOM   59  C  C5    . DC  A 1 3 ? 0.158   -1.793  4.547  1.00 12.81 ? 3   DC  A C5    1 
ATOM   60  C  C6    . DC  A 1 3 ? -0.078  -0.518  4.221  1.00 12.10 ? 3   DC  A C6    1 
ATOM   61  P  P     . DG  A 1 4 ? -2.678  5.033   1.275  1.00 17.85 ? 4   DG  A P     1 
ATOM   62  O  OP1   . DG  A 1 4 ? -3.904  5.361   2.053  1.00 19.44 ? 4   DG  A OP1   1 
ATOM   63  O  OP2   . DG  A 1 4 ? -2.679  5.052   -0.209 1.00 22.34 ? 4   DG  A OP2   1 
ATOM   64  O  "O5'" . DG  A 1 4 ? -1.541  6.006   1.817  1.00 18.49 ? 4   DG  A "O5'" 1 
ATOM   65  C  "C5'" . DG  A 1 4 ? -0.303  6.039   1.121  1.00 16.83 ? 4   DG  A "C5'" 1 
ATOM   66  C  "C4'" . DG  A 1 4 ? 0.680   6.904   1.875  1.00 14.96 ? 4   DG  A "C4'" 1 
ATOM   67  O  "O4'" . DG  A 1 4 ? 0.956   6.299   3.156  1.00 14.32 ? 4   DG  A "O4'" 1 
ATOM   68  C  "C3'" . DG  A 1 4 ? 2.020   6.994   1.166  1.00 15.26 ? 4   DG  A "C3'" 1 
ATOM   69  O  "O3'" . DG  A 1 4 ? 2.131   8.300   0.597  1.00 17.16 ? 4   DG  A "O3'" 1 
ATOM   70  C  "C2'" . DG  A 1 4 ? 3.068   6.838   2.251  1.00 15.74 ? 4   DG  A "C2'" 1 
ATOM   71  C  "C1'" . DG  A 1 4 ? 2.329   6.408   3.490  1.00 15.49 ? 4   DG  A "C1'" 1 
ATOM   72  N  N9    . DG  A 1 4 ? 2.736   5.127   4.037  1.00 16.02 ? 4   DG  A N9    1 
ATOM   73  C  C8    . DG  A 1 4 ? 3.193   4.899   5.314  1.00 18.19 ? 4   DG  A C8    1 
ATOM   74  N  N7    . DG  A 1 4 ? 3.413   3.635   5.557  1.00 17.69 ? 4   DG  A N7    1 
ATOM   75  C  C5    . DG  A 1 4 ? 3.179   3.008   4.345  1.00 13.51 ? 4   DG  A C5    1 
ATOM   76  C  C6    . DG  A 1 4 ? 3.245   1.633   3.988  1.00 14.22 ? 4   DG  A C6    1 
ATOM   77  O  O6    . DG  A 1 4 ? 3.568   0.675   4.706  1.00 17.43 ? 4   DG  A O6    1 
ATOM   78  N  N1    . DG  A 1 4 ? 2.859   1.427   2.672  1.00 12.39 ? 4   DG  A N1    1 
ATOM   79  C  C2    . DG  A 1 4 ? 2.425   2.414   1.812  1.00 13.68 ? 4   DG  A C2    1 
ATOM   80  N  N2    . DG  A 1 4 ? 2.070   2.028   0.567  1.00 12.33 ? 4   DG  A N2    1 
ATOM   81  N  N3    . DG  A 1 4 ? 2.397   3.692   2.122  1.00 12.80 ? 4   DG  A N3    1 
ATOM   82  C  C4    . DG  A 1 4 ? 2.732   3.912   3.407  1.00 13.15 ? 4   DG  A C4    1 
ATOM   83  P  P     . DC  A 1 5 ? 2.321   8.437   -0.980 1.00 18.37 ? 5   DC  A P     1 
ATOM   84  O  OP1   . DC  A 1 5 ? 2.574   9.877   -1.257 1.00 24.12 ? 5   DC  A OP1   1 
ATOM   85  O  OP2   . DC  A 1 5 ? 1.238   7.747   -1.727 1.00 22.01 ? 5   DC  A OP2   1 
ATOM   86  O  "O5'" . DC  A 1 5 ? 3.659   7.599   -1.176 1.00 17.07 ? 5   DC  A "O5'" 1 
ATOM   87  C  "C5'" . DC  A 1 5 ? 4.213   7.519   -2.494 1.00 19.86 ? 5   DC  A "C5'" 1 
ATOM   88  C  "C4'" . DC  A 1 5 ? 4.489   6.077   -2.848 1.00 16.93 ? 5   DC  A "C4'" 1 
ATOM   89  O  "O4'" . DC  A 1 5 ? 5.472   5.537   -1.931 1.00 20.21 ? 5   DC  A "O4'" 1 
ATOM   90  C  "C3'" . DC  A 1 5 ? 3.289   5.131   -2.823 1.00 19.00 ? 5   DC  A "C3'" 1 
ATOM   91  O  "O3'" . DC  A 1 5 ? 3.337   4.292   -3.987 1.00 25.62 ? 5   DC  A "O3'" 1 
ATOM   92  C  "C2'" . DC  A 1 5 ? 3.573   4.232   -1.636 1.00 16.68 ? 5   DC  A "C2'" 1 
ATOM   93  C  "C1'" . DC  A 1 5 ? 5.107   4.197   -1.662 1.00 15.94 ? 5   DC  A "C1'" 1 
ATOM   94  N  N1    . DC  A 1 5 ? 5.648   3.782   -0.350 1.00 17.20 ? 5   DC  A N1    1 
ATOM   95  C  C2    . DC  A 1 5 ? 5.632   2.412   -0.051 1.00 17.64 ? 5   DC  A C2    1 
ATOM   96  O  O2    . DC  A 1 5 ? 5.297   1.600   -0.941 1.00 16.21 ? 5   DC  A O2    1 
ATOM   97  N  N3    . DC  A 1 5 ? 6.023   2.002   1.182  1.00 19.45 ? 5   DC  A N3    1 
ATOM   98  C  C4    . DC  A 1 5 ? 6.349   2.899   2.110  1.00 14.57 ? 5   DC  A C4    1 
ATOM   99  N  N4    . DC  A 1 5 ? 6.709   2.452   3.312  1.00 18.97 ? 5   DC  A N4    1 
ATOM   100 C  C5    . DC  A 1 5 ? 6.319   4.303   1.849  1.00 16.29 ? 5   DC  A C5    1 
ATOM   101 C  C6    . DC  A 1 5 ? 5.949   4.695   0.625  1.00 15.03 ? 5   DC  A C6    1 
ATOM   102 P  P     . DG  A 1 6 ? 2.337   4.534   -5.216 1.00 30.64 ? 6   DG  A P     1 
ATOM   103 O  OP1   . DG  A 1 6 ? 1.011   4.819   -4.598 1.00 40.66 ? 6   DG  A OP1   1 
ATOM   104 O  OP2   . DG  A 1 6 ? 2.466   3.485   -6.240 1.00 39.27 ? 6   DG  A OP2   1 
ATOM   105 O  "O5'" . DG  A 1 6 ? 2.928   5.850   -5.858 1.00 23.41 ? 6   DG  A "O5'" 1 
ATOM   106 C  "C5'" . DG  A 1 6 ? 4.030   5.749   -6.686 1.00 22.48 ? 6   DG  A "C5'" 1 
ATOM   107 C  "C4'" . DG  A 1 6 ? 4.369   7.138   -7.149 1.00 21.03 ? 6   DG  A "C4'" 1 
ATOM   108 O  "O4'" . DG  A 1 6 ? 4.796   7.964   -6.029 1.00 16.44 ? 6   DG  A "O4'" 1 
ATOM   109 C  "C3'" . DG  A 1 6 ? 5.517   7.118   -8.136 1.00 28.97 ? 6   DG  A "C3'" 1 
ATOM   110 O  "O3'" . DG  A 1 6 ? 5.059   7.935   -9.212 1.00 63.30 ? 6   DG  A "O3'" 1 
ATOM   111 C  "C2'" . DG  A 1 6 ? 6.680   7.768   -7.419 1.00 19.51 ? 6   DG  A "C2'" 1 
ATOM   112 C  "C1'" . DG  A 1 6 ? 6.071   8.547   -6.284 1.00 18.12 ? 6   DG  A "C1'" 1 
ATOM   113 N  N9    . DG  A 1 6 ? 6.838   8.506   -5.047 1.00 13.52 ? 6   DG  A N9    1 
ATOM   114 C  C8    . DG  A 1 6 ? 7.082   9.580   -4.236 1.00 14.71 ? 6   DG  A C8    1 
ATOM   115 N  N7    . DG  A 1 6 ? 7.733   9.263   -3.148 1.00 15.85 ? 6   DG  A N7    1 
ATOM   116 C  C5    . DG  A 1 6 ? 7.899   7.894   -3.233 1.00 12.85 ? 6   DG  A C5    1 
ATOM   117 C  C6    . DG  A 1 6 ? 8.458   6.974   -2.306 1.00 13.30 ? 6   DG  A C6    1 
ATOM   118 O  O6    . DG  A 1 6 ? 8.972   7.223   -1.213 1.00 13.92 ? 6   DG  A O6    1 
ATOM   119 N  N1    . DG  A 1 6 ? 8.375   5.664   -2.761 1.00 13.21 ? 6   DG  A N1    1 
ATOM   120 C  C2    . DG  A 1 6 ? 7.793   5.281   -3.943 1.00 12.88 ? 6   DG  A C2    1 
ATOM   121 N  N2    . DG  A 1 6 ? 7.779   3.965   -4.198 1.00 14.36 ? 6   DG  A N2    1 
ATOM   122 N  N3    . DG  A 1 6 ? 7.245   6.129   -4.805 1.00 13.65 ? 6   DG  A N3    1 
ATOM   123 C  C4    . DG  A 1 6 ? 7.305   7.403   -4.374 1.00 12.16 ? 6   DG  A C4    1 
ATOM   124 O  "O5'" . DC  B 1 1 ? 11.282  -1.828  1.630  1.00 24.86 ? 7   DC  B "O5'" 1 
ATOM   125 C  "C5'" . DC  B 1 1 ? 10.174  -2.681  1.331  1.00 19.52 ? 7   DC  B "C5'" 1 
ATOM   126 C  "C4'" . DC  B 1 1 ? 9.467   -2.197  0.087  1.00 15.15 ? 7   DC  B "C4'" 1 
ATOM   127 O  "O4'" . DC  B 1 1 ? 8.941   -0.875  0.393  1.00 15.96 ? 7   DC  B "O4'" 1 
ATOM   128 C  "C3'" . DC  B 1 1 ? 10.279  -2.033  -1.201 1.00 15.01 ? 7   DC  B "C3'" 1 
ATOM   129 O  "O3'" . DC  B 1 1 ? 9.461   -2.444  -2.311 1.00 15.98 ? 7   DC  B "O3'" 1 
ATOM   130 C  "C2'" . DC  B 1 1 ? 10.420  -0.536  -1.322 1.00 14.03 ? 7   DC  B "C2'" 1 
ATOM   131 C  "C1'" . DC  B 1 1 ? 9.120   -0.048  -0.721 1.00 13.48 ? 7   DC  B "C1'" 1 
ATOM   132 N  N1    . DC  B 1 1 ? 9.244   1.352   -0.265 1.00 13.50 ? 7   DC  B N1    1 
ATOM   133 C  C2    . DC  B 1 1 ? 9.003   2.358   -1.201 1.00 13.27 ? 7   DC  B C2    1 
ATOM   134 O  O2    . DC  B 1 1 ? 8.573   2.052   -2.316 1.00 14.46 ? 7   DC  B O2    1 
ATOM   135 N  N3    . DC  B 1 1 ? 9.171   3.647   -0.843 1.00 13.97 ? 7   DC  B N3    1 
ATOM   136 C  C4    . DC  B 1 1 ? 9.602   3.950   0.386  1.00 13.83 ? 7   DC  B C4    1 
ATOM   137 N  N4    . DC  B 1 1 ? 9.789   5.243   0.690  1.00 14.37 ? 7   DC  B N4    1 
ATOM   138 C  C5    . DC  B 1 1 ? 9.905   2.942   1.345  1.00 11.77 ? 7   DC  B C5    1 
ATOM   139 C  C6    . DC  B 1 1 ? 9.704   1.669   0.985  1.00 11.39 ? 7   DC  B C6    1 
ATOM   140 P  P     . DG  B 1 2 ? 9.722   -3.778  -3.124 1.00 18.10 ? 8   DG  B P     1 
ATOM   141 O  OP1   . DG  B 1 2 ? 11.154  -4.067  -3.303 1.00 20.06 ? 8   DG  B OP1   1 
ATOM   142 O  OP2   . DG  B 1 2 ? 8.849   -3.649  -4.300 1.00 23.10 ? 8   DG  B OP2   1 
ATOM   143 O  "O5'" . DG  B 1 2 ? 9.177   -4.889  -2.125 1.00 15.68 ? 8   DG  B "O5'" 1 
ATOM   144 C  "C5'" . DG  B 1 2 ? 7.773   -4.927  -1.925 1.00 16.79 ? 8   DG  B "C5'" 1 
ATOM   145 C  "C4'" . DG  B 1 2 ? 7.417   -5.924  -0.861 1.00 13.09 ? 8   DG  B "C4'" 1 
ATOM   146 O  "O4'" . DG  B 1 2 ? 7.976   -5.557  0.418  1.00 14.94 ? 8   DG  B "O4'" 1 
ATOM   147 C  "C3'" . DG  B 1 2 ? 5.911   -6.066  -0.674 1.00 14.26 ? 8   DG  B "C3'" 1 
ATOM   148 O  "O3'" . DG  B 1 2 ? 5.597   -7.114  -1.585 1.00 17.51 ? 8   DG  B "O3'" 1 
ATOM   149 C  "C2'" . DG  B 1 2 ? 5.764   -6.376  0.806  1.00 15.32 ? 8   DG  B "C2'" 1 
ATOM   150 C  "C1'" . DG  B 1 2 ? 7.068   -5.864  1.466  1.00 15.72 ? 8   DG  B "C1'" 1 
ATOM   151 N  N9    . DG  B 1 2 ? 6.966   -4.658  2.278  1.00 14.50 ? 8   DG  B N9    1 
ATOM   152 C  C8    . DG  B 1 2 ? 7.287   -4.574  3.611  1.00 18.33 ? 8   DG  B C8    1 
ATOM   153 N  N7    . DG  B 1 2 ? 7.180   -3.366  4.088  1.00 18.57 ? 8   DG  B N7    1 
ATOM   154 C  C5    . DG  B 1 2 ? 6.807   -2.596  2.996  1.00 17.47 ? 8   DG  B C5    1 
ATOM   155 C  C6    . DG  B 1 2 ? 6.537   -1.219  2.903  1.00 17.57 ? 8   DG  B C6    1 
ATOM   156 O  O6    . DG  B 1 2 ? 6.627   -0.378  3.800  1.00 19.95 ? 8   DG  B O6    1 
ATOM   157 N  N1    . DG  B 1 2 ? 6.193   -0.841  1.606  1.00 13.82 ? 8   DG  B N1    1 
ATOM   158 C  C2    . DG  B 1 2 ? 6.024   -1.704  0.557  1.00 13.32 ? 8   DG  B C2    1 
ATOM   159 N  N2    . DG  B 1 2 ? 5.659   -1.157  -0.613 1.00 15.90 ? 8   DG  B N2    1 
ATOM   160 N  N3    . DG  B 1 2 ? 6.282   -3.005  0.626  1.00 14.69 ? 8   DG  B N3    1 
ATOM   161 C  C4    . DG  B 1 2 ? 6.652   -3.380  1.874  1.00 12.85 ? 8   DG  B C4    1 
ATOM   162 P  P     . DC  B 1 3 ? 4.109   -7.597  -1.867 1.00 17.12 ? 9   DC  B P     1 
ATOM   163 O  OP1   . DC  B 1 3 ? 3.434   -8.251  -0.698 1.00 22.96 ? 9   DC  B OP1   1 
ATOM   164 O  OP2   . DC  B 1 3 ? 4.221   -8.432  -3.112 1.00 21.27 ? 9   DC  B OP2   1 
ATOM   165 O  "O5'" . DC  B 1 3 ? 3.400   -6.215  -2.211 1.00 14.22 ? 9   DC  B "O5'" 1 
ATOM   166 C  "C5'" . DC  B 1 3 ? 2.073   -6.199  -2.716 1.00 12.28 ? 9   DC  B "C5'" 1 
ATOM   167 C  "C4'" . DC  B 1 3 ? 1.551   -4.784  -2.768 1.00 11.63 ? 9   DC  B "C4'" 1 
ATOM   168 O  "O4'" . DC  B 1 3 ? 1.372   -4.329  -1.434 1.00 12.95 ? 9   DC  B "O4'" 1 
ATOM   169 C  "C3'" . DC  B 1 3 ? 2.433   -3.767  -3.470 1.00 14.27 ? 9   DC  B "C3'" 1 
ATOM   170 O  "O3'" . DC  B 1 3 ? 1.605   -2.815  -4.170 1.00 16.73 ? 9   DC  B "O3'" 1 
ATOM   171 C  "C2'" . DC  B 1 3 ? 3.100   -3.028  -2.336 1.00 13.36 ? 9   DC  B "C2'" 1 
ATOM   172 C  "C1'" . DC  B 1 3 ? 1.959   -3.041  -1.325 1.00 12.94 ? 9   DC  B "C1'" 1 
ATOM   173 N  N1    . DC  B 1 3 ? 2.363   -2.848  0.051  1.00 13.06 ? 9   DC  B N1    1 
ATOM   174 C  C2    . DC  B 1 3 ? 2.450   -1.549  0.520  1.00 11.30 ? 9   DC  B C2    1 
ATOM   175 O  O2    . DC  B 1 3 ? 2.141   -0.614  -0.244 1.00 15.31 ? 9   DC  B O2    1 
ATOM   176 N  N3    . DC  B 1 3 ? 2.800   -1.336  1.806  1.00 13.09 ? 9   DC  B N3    1 
ATOM   177 C  C4    . DC  B 1 3 ? 3.139   -2.368  2.585  1.00 12.57 ? 9   DC  B C4    1 
ATOM   178 N  N4    . DC  B 1 3 ? 3.514   -2.109  3.838  1.00 13.52 ? 9   DC  B N4    1 
ATOM   179 C  C5    . DC  B 1 3 ? 3.102   -3.710  2.111  1.00 13.60 ? 9   DC  B C5    1 
ATOM   180 C  C6    . DC  B 1 3 ? 2.683   -3.905  0.860  1.00 12.13 ? 9   DC  B C6    1 
ATOM   181 P  P     . DG  B 1 4 ? 1.363   -2.847  -5.748 1.00 16.57 ? 10  DG  B P     1 
ATOM   182 O  OP1   . DG  B 1 4 ? 2.619   -3.102  -6.470 1.00 18.06 ? 10  DG  B OP1   1 
ATOM   183 O  OP2   . DG  B 1 4 ? 0.573   -1.622  -6.019 1.00 18.89 ? 10  DG  B OP2   1 
ATOM   184 O  "O5'" . DG  B 1 4 ? 0.446   -4.129  -5.983 1.00 15.05 ? 10  DG  B "O5'" 1 
ATOM   185 C  "C5'" . DG  B 1 4 ? -0.936  -4.067  -5.543 1.00 13.92 ? 10  DG  B "C5'" 1 
ATOM   186 C  "C4'" . DG  B 1 4 ? -1.600  -5.417  -5.614 1.00 12.53 ? 10  DG  B "C4'" 1 
ATOM   187 O  "O4'" . DG  B 1 4 ? -0.885  -6.295  -4.730 1.00 14.36 ? 10  DG  B "O4'" 1 
ATOM   188 C  "C3'" . DG  B 1 4 ? -3.030  -5.388  -5.086 1.00 15.41 ? 10  DG  B "C3'" 1 
ATOM   189 O  "O3'" . DG  B 1 4 ? -3.814  -5.212  -6.238 1.00 16.75 ? 10  DG  B "O3'" 1 
ATOM   190 C  "C2'" . DG  B 1 4 ? -3.211  -6.733  -4.421 1.00 15.66 ? 10  DG  B "C2'" 1 
ATOM   191 C  "C1'" . DG  B 1 4 ? -1.801  -7.153  -4.045 1.00 12.80 ? 10  DG  B "C1'" 1 
ATOM   192 N  N9    . DG  B 1 4 ? -1.488  -7.082  -2.619 1.00 12.73 ? 10  DG  B N9    1 
ATOM   193 C  C8    . DG  B 1 4 ? -1.137  -8.171  -1.856 1.00 14.38 ? 10  DG  B C8    1 
ATOM   194 N  N7    . DG  B 1 4 ? -0.874  -7.865  -0.614 1.00 15.62 ? 10  DG  B N7    1 
ATOM   195 C  C5    . DG  B 1 4 ? -1.006  -6.489  -0.565 1.00 14.04 ? 10  DG  B C5    1 
ATOM   196 C  C6    . DG  B 1 4 ? -0.842  -5.617  0.508  1.00 11.53 ? 10  DG  B C6    1 
ATOM   197 O  O6    . DG  B 1 4 ? -0.533  -5.919  1.667  1.00 16.16 ? 10  DG  B O6    1 
ATOM   198 N  N1    . DG  B 1 4 ? -1.124  -4.297  0.157  1.00 12.04 ? 10  DG  B N1    1 
ATOM   199 C  C2    . DG  B 1 4 ? -1.460  -3.878  -1.107 1.00 11.83 ? 10  DG  B C2    1 
ATOM   200 N  N2    . DG  B 1 4 ? -1.650  -2.570  -1.263 1.00 14.47 ? 10  DG  B N2    1 
ATOM   201 N  N3    . DG  B 1 4 ? -1.649  -4.705  -2.133 1.00 14.07 ? 10  DG  B N3    1 
ATOM   202 C  C4    . DG  B 1 4 ? -1.415  -5.989  -1.784 1.00 11.06 ? 10  DG  B C4    1 
ATOM   203 P  P     . DC  B 1 5 ? -5.324  -4.701  -6.180 1.00 18.16 ? 11  DC  B P     1 
ATOM   204 O  OP1   . DC  B 1 5 ? -6.174  -5.500  -5.242 1.00 17.08 ? 11  DC  B OP1   1 
ATOM   205 O  OP2   . DC  B 1 5 ? -5.786  -4.565  -7.581 1.00 28.82 ? 11  DC  B OP2   1 
ATOM   206 O  "O5'" . DC  B 1 5 ? -5.130  -3.262  -5.529 1.00 16.38 ? 11  DC  B "O5'" 1 
ATOM   207 C  "C5'" . DC  B 1 5 ? -6.273  -2.426  -5.546 1.00 15.99 ? 11  DC  B "C5'" 1 
ATOM   208 C  "C4'" . DC  B 1 5 ? -6.290  -1.545  -4.323 1.00 14.31 ? 11  DC  B "C4'" 1 
ATOM   209 O  "O4'" . DC  B 1 5 ? -6.484  -2.360  -3.131 1.00 14.61 ? 11  DC  B "O4'" 1 
ATOM   210 C  "C3'" . DC  B 1 5 ? -4.993  -0.761  -4.113 1.00 15.15 ? 11  DC  B "C3'" 1 
ATOM   211 O  "O3'" . DC  B 1 5 ? -5.194  0.579   -3.650 1.00 17.55 ? 11  DC  B "O3'" 1 
ATOM   212 C  "C2'" . DC  B 1 5 ? -4.364  -1.437  -2.909 1.00 13.59 ? 11  DC  B "C2'" 1 
ATOM   213 C  "C1'" . DC  B 1 5 ? -5.569  -1.949  -2.132 1.00 13.72 ? 11  DC  B "C1'" 1 
ATOM   214 N  N1    . DC  B 1 5 ? -5.241  -3.116  -1.302 1.00 10.46 ? 11  DC  B N1    1 
ATOM   215 C  C2    . DC  B 1 5 ? -4.890  -2.924  0.040  1.00 10.46 ? 11  DC  B C2    1 
ATOM   216 O  O2    . DC  B 1 5 ? -4.899  -1.778  0.501  1.00 12.02 ? 11  DC  B O2    1 
ATOM   217 N  N3    . DC  B 1 5 ? -4.552  -4.001  0.794  1.00 12.02 ? 11  DC  B N3    1 
ATOM   218 C  C4    . DC  B 1 5 ? -4.532  -5.218  0.244  1.00 10.96 ? 11  DC  B C4    1 
ATOM   219 N  N4    . DC  B 1 5 ? -4.152  -6.245  1.011  1.00 12.94 ? 11  DC  B N4    1 
ATOM   220 C  C5    . DC  B 1 5 ? -4.878  -5.434  -1.121 1.00 10.75 ? 11  DC  B C5    1 
ATOM   221 C  C6    . DC  B 1 5 ? -5.234  -4.368  -1.843 1.00 11.77 ? 11  DC  B C6    1 
ATOM   222 P  P     . DG  B 1 6 ? -5.391  1.850   -4.619 1.00 19.31 ? 12  DG  B P     1 
ATOM   223 O  OP1   . DG  B 1 6 ? -4.553  1.710   -5.829 1.00 23.93 ? 12  DG  B OP1   1 
ATOM   224 O  OP2   . DG  B 1 6 ? -5.285  3.021   -3.717 1.00 22.07 ? 12  DG  B OP2   1 
ATOM   225 O  "O5'" . DG  B 1 6 ? -6.881  1.667   -5.142 1.00 18.32 ? 12  DG  B "O5'" 1 
ATOM   226 C  "C5'" . DG  B 1 6 ? -7.938  1.704   -4.188 1.00 17.78 ? 12  DG  B "C5'" 1 
ATOM   227 C  "C4'" . DG  B 1 6 ? -9.218  1.319   -4.883 1.00 14.86 ? 12  DG  B "C4'" 1 
ATOM   228 O  "O4'" . DG  B 1 6 ? -9.085  -0.018  -5.406 1.00 15.85 ? 12  DG  B "O4'" 1 
ATOM   229 C  "C3'" . DG  B 1 6 ? -10.435 1.267   -3.966 1.00 17.88 ? 12  DG  B "C3'" 1 
ATOM   230 O  "O3'" . DG  B 1 6 ? -10.984 2.580   -3.935 1.00 22.37 ? 12  DG  B "O3'" 1 
ATOM   231 C  "C2'" . DG  B 1 6 ? -11.315 0.213   -4.609 1.00 17.52 ? 12  DG  B "C2'" 1 
ATOM   232 C  "C1'" . DG  B 1 6 ? -10.348 -0.706  -5.358 1.00 14.43 ? 12  DG  B "C1'" 1 
ATOM   233 N  N9    . DG  B 1 6 ? -10.087 -2.014  -4.774 1.00 14.65 ? 12  DG  B N9    1 
ATOM   234 C  C8    . DG  B 1 6 ? -9.966  -3.166  -5.505 1.00 16.33 ? 12  DG  B C8    1 
ATOM   235 N  N7    . DG  B 1 6 ? -9.572  -4.182  -4.797 1.00 17.55 ? 12  DG  B N7    1 
ATOM   236 C  C5    . DG  B 1 6 ? -9.331  -3.648  -3.541 1.00 14.08 ? 12  DG  B C5    1 
ATOM   237 C  C6    . DG  B 1 6 ? -8.843  -4.262  -2.377 1.00 13.50 ? 12  DG  B C6    1 
ATOM   238 O  O6    . DG  B 1 6 ? -8.453  -5.431  -2.263 1.00 15.13 ? 12  DG  B O6    1 
ATOM   239 N  N1    . DG  B 1 6 ? -8.758  -3.364  -1.312 1.00 12.10 ? 12  DG  B N1    1 
ATOM   240 C  C2    . DG  B 1 6 ? -9.067  -2.027  -1.389 1.00 11.91 ? 12  DG  B C2    1 
ATOM   241 N  N2    . DG  B 1 6 ? -8.919  -1.315  -0.285 1.00 13.00 ? 12  DG  B N2    1 
ATOM   242 N  N3    . DG  B 1 6 ? -9.508  -1.436  -2.485 1.00 13.84 ? 12  DG  B N3    1 
ATOM   243 C  C4    . DG  B 1 6 ? -9.641  -2.311  -3.509 1.00 12.59 ? 12  DG  B C4    1 
HETATM 244 N  N1    . SR0 C 2 . ? -0.699  9.598   -2.954 1.00 39.69 ? 101 SR0 A N1    1 
HETATM 245 C  C2    . SR0 C 2 . ? -1.700  8.846   -2.173 1.00 30.58 ? 101 SR0 A C2    1 
HETATM 246 C  C3    . SR0 C 2 . ? -1.720  9.207   -0.697 1.00 28.08 ? 101 SR0 A C3    1 
HETATM 247 C  C4    . SR0 C 2 . ? -3.009  8.643   -0.062 1.00 25.67 ? 101 SR0 A C4    1 
HETATM 248 C  C5    . SR0 C 2 . ? -3.010  8.775   1.478  1.00 27.87 ? 101 SR0 A C5    1 
HETATM 249 N  N6    . SR0 C 2 . ? -4.297  8.204   2.028  1.00 23.97 ? 101 SR0 A N6    1 
HETATM 250 C  C7    . SR0 C 2 . ? -4.680  8.787   3.327  1.00 34.09 ? 101 SR0 A C7    1 
HETATM 251 C  C8    . SR0 C 2 . ? -5.312  7.745   4.270  1.00 54.18 ? 101 SR0 A C8    1 
HETATM 252 C  C9    . SR0 C 2 . ? -4.274  7.074   5.207  1.00 79.86 ? 101 SR0 A C9    1 
HETATM 253 N  N10   . SR0 C 2 . ? -4.881  6.202   6.275  1.00 82.88 ? 101 SR0 A N10   1 
HETATM 254 CA CA    . CA  D 3 . ? -8.084  -6.534  -4.555 1.00 17.66 ? 101 CA  B CA    1 
HETATM 255 O  O     . HOH E 4 . ? -4.398  4.274   -1.710 1.00 26.45 ? 201 HOH A O     1 
HETATM 256 O  O     . HOH E 4 . ? -8.010  1.556   5.129  1.00 27.05 ? 202 HOH A O     1 
HETATM 257 O  O     . HOH E 4 . ? 1.965   12.211  -0.193 1.00 29.51 ? 203 HOH A O     1 
HETATM 258 O  O     . HOH E 4 . ? -0.501  5.722   -2.593 1.00 38.78 ? 204 HOH A O     1 
HETATM 259 O  O     . HOH E 4 . ? 1.878   0.378   6.978  1.00 39.35 ? 205 HOH A O     1 
HETATM 260 O  O     . HOH E 4 . ? -5.436  1.544   4.137  1.00 20.71 ? 206 HOH A O     1 
HETATM 261 O  O     . HOH E 4 . ? -2.913  2.495   -1.619 1.00 43.97 ? 207 HOH A O     1 
HETATM 262 O  O     . HOH E 4 . ? 0.231   3.283   -1.381 1.00 23.68 ? 208 HOH A O     1 
HETATM 263 O  O     . HOH E 4 . ? 3.409   0.625   -3.014 1.00 43.22 ? 209 HOH A O     1 
HETATM 264 O  O     . HOH E 4 . ? -9.753  -0.304  3.165  1.00 34.48 ? 210 HOH A O     1 
HETATM 265 O  O     . HOH E 4 . ? 9.236   11.577  -1.916 1.00 25.97 ? 211 HOH A O     1 
HETATM 266 O  O     . HOH E 4 . ? 1.205   -4.664  6.566  1.00 41.58 ? 212 HOH A O     1 
HETATM 267 O  O     . HOH E 4 . ? 5.845   2.597   -6.153 1.00 23.89 ? 213 HOH A O     1 
HETATM 268 O  O     . HOH E 4 . ? 7.729   4.151   5.705  1.00 29.02 ? 214 HOH A O     1 
HETATM 269 O  O     . HOH E 4 . ? -9.659  -8.721  -1.686 1.00 20.32 ? 215 HOH A O     1 
HETATM 270 O  O     A HOH E 4 . ? -6.682  5.913   -0.517 0.50 40.80 ? 216 HOH A O     1 
HETATM 271 O  O     B HOH E 4 . ? -6.957  6.088   1.257  0.50 35.87 ? 216 HOH A O     1 
HETATM 272 O  O     . HOH E 4 . ? 5.061   1.728   -8.807 1.00 49.45 ? 217 HOH A O     1 
HETATM 273 O  O     . HOH F 4 . ? 2.734   -10.589 -3.691 1.00 29.78 ? 201 HOH B O     1 
HETATM 274 O  O     . HOH F 4 . ? -3.715  0.577   -0.123 1.00 33.09 ? 202 HOH B O     1 
HETATM 275 O  O     . HOH F 4 . ? 0.901   0.489   -2.454 1.00 31.29 ? 203 HOH B O     1 
HETATM 276 O  O     . HOH F 4 . ? 9.299   -0.453  4.625  1.00 53.01 ? 204 HOH B O     1 
HETATM 277 O  O     . HOH F 4 . ? -9.799  3.810   -1.668 1.00 31.06 ? 205 HOH B O     1 
HETATM 278 O  O     . HOH F 4 . ? 5.932   -0.121  6.545  1.00 40.23 ? 206 HOH B O     1 
HETATM 279 O  O     . HOH F 4 . ? -1.185  -0.846  -3.822 1.00 23.08 ? 207 HOH B O     1 
HETATM 280 O  O     . HOH F 4 . ? -4.751  0.142   -8.369 1.00 32.61 ? 208 HOH B O     1 
HETATM 281 O  O     . HOH F 4 . ? 6.258   -2.281  -3.625 1.00 23.36 ? 209 HOH B O     1 
HETATM 282 O  O     . HOH F 4 . ? 7.541   -2.825  7.024  1.00 53.59 ? 210 HOH B O     1 
HETATM 283 O  O     . HOH F 4 . ? -3.032  -4.873  -9.185 1.00 25.23 ? 211 HOH B O     1 
HETATM 284 O  O     . HOH F 4 . ? -10.122 -7.331  -4.072 1.00 18.16 ? 212 HOH B O     1 
HETATM 285 O  O     . HOH F 4 . ? -8.198  1.735   -0.307 1.00 30.96 ? 213 HOH B O     1 
HETATM 286 O  O     . HOH F 4 . ? -6.717  -7.995  -3.157 1.00 27.35 ? 214 HOH B O     1 
HETATM 287 O  O     . HOH F 4 . ? 7.622   -6.502  -5.356 1.00 41.43 ? 215 HOH B O     1 
HETATM 288 O  O     . HOH F 4 . ? 3.785   -2.475  -9.815 1.00 56.74 ? 216 HOH B O     1 
HETATM 289 O  O     . HOH F 4 . ? -4.585  -8.691  -1.661 1.00 21.79 ? 217 HOH B O     1 
# 
loop_
_atom_site_anisotrop.id 
_atom_site_anisotrop.type_symbol 
_atom_site_anisotrop.pdbx_label_atom_id 
_atom_site_anisotrop.pdbx_label_alt_id 
_atom_site_anisotrop.pdbx_label_comp_id 
_atom_site_anisotrop.pdbx_label_asym_id 
_atom_site_anisotrop.pdbx_label_seq_id 
_atom_site_anisotrop.pdbx_PDB_ins_code 
_atom_site_anisotrop.U[1][1] 
_atom_site_anisotrop.U[2][2] 
_atom_site_anisotrop.U[3][3] 
_atom_site_anisotrop.U[1][2] 
_atom_site_anisotrop.U[1][3] 
_atom_site_anisotrop.U[2][3] 
_atom_site_anisotrop.pdbx_auth_seq_id 
_atom_site_anisotrop.pdbx_auth_comp_id 
_atom_site_anisotrop.pdbx_auth_asym_id 
_atom_site_anisotrop.pdbx_auth_atom_id 
1   O  "O5'" . DC  A 1 ? 0.3133 0.2806 0.2757 -0.0469 -0.0157 0.0210  1   DC  A "O5'" 
2   C  "C5'" . DC  A 1 ? 0.1346 0.2006 0.3589 0.0374  -0.0228 -0.0179 1   DC  A "C5'" 
3   C  "C4'" . DC  A 1 ? 0.2097 0.2061 0.2085 0.0015  0.0041  -0.0349 1   DC  A "C4'" 
4   O  "O4'" . DC  A 1 ? 0.1515 0.2847 0.1725 -0.0095 -0.0316 -0.0087 1   DC  A "O4'" 
5   C  "C3'" . DC  A 1 ? 0.1824 0.2126 0.1283 -0.0197 0.0084  -0.0125 1   DC  A "C3'" 
6   O  "O3'" . DC  A 1 ? 0.2102 0.2271 0.2184 0.0041  -0.0226 -0.0022 1   DC  A "O3'" 
7   C  "C2'" . DC  A 1 ? 0.1267 0.2872 0.1862 -0.0222 -0.0289 -0.0380 1   DC  A "C2'" 
8   C  "C1'" . DC  A 1 ? 0.1629 0.2052 0.1606 0.0034  -0.0232 0.0101  1   DC  A "C1'" 
9   N  N1    . DC  A 1 ? 0.1515 0.2071 0.1592 -0.0038 -0.0121 0.0044  1   DC  A N1    
10  C  C2    . DC  A 1 ? 0.1220 0.1881 0.1656 -0.0070 -0.0011 0.0224  1   DC  A C2    
11  O  O2    . DC  A 1 ? 0.1742 0.1905 0.1587 -0.0064 -0.0153 -0.0102 1   DC  A O2    
12  N  N3    . DC  A 1 ? 0.1592 0.2155 0.1480 -0.0118 0.0071  0.0122  1   DC  A N3    
13  C  C4    . DC  A 1 ? 0.1289 0.2268 0.1334 -0.0088 0.0083  0.0277  1   DC  A C4    
14  N  N4    . DC  A 1 ? 0.1038 0.1911 0.2058 -0.0098 0.0094  0.0263  1   DC  A N4    
15  C  C5    . DC  A 1 ? 0.1736 0.2261 0.1677 0.0082  -0.0088 0.0407  1   DC  A C5    
16  C  C6    . DC  A 1 ? 0.0976 0.2101 0.1818 -0.0107 -0.0041 0.0297  1   DC  A C6    
17  P  P     . DG  A 2 ? 0.1922 0.2528 0.2178 0.0054  0.0057  -0.0031 2   DG  A P     
18  O  OP1   . DG  A 2 ? 0.2709 0.2806 0.1964 -0.0469 -0.0082 -0.0132 2   DG  A OP1   
19  O  OP2   . DG  A 2 ? 0.2625 0.2400 0.2423 0.0515  0.0331  0.0002  2   DG  A OP2   
20  O  "O5'" . DG  A 2 ? 0.1617 0.2038 0.2103 -0.0309 0.0203  0.0017  2   DG  A "O5'" 
21  C  "C5'" . DG  A 2 ? 0.1848 0.2001 0.1924 -0.0212 0.0000  0.0437  2   DG  A "C5'" 
22  C  "C4'" . DG  A 2 ? 0.1780 0.2107 0.2078 -0.0366 0.0063  0.0184  2   DG  A "C4'" 
23  O  "O4'" . DG  A 2 ? 0.1900 0.2332 0.1299 -0.0101 -0.0048 0.0265  2   DG  A "O4'" 
24  C  "C3'" . DG  A 2 ? 0.2710 0.2101 0.1886 -0.0441 0.0661  -0.0005 2   DG  A "C3'" 
25  O  "O3'" . DG  A 2 ? 0.3170 0.2055 0.1649 -0.0377 0.0357  0.0029  2   DG  A "O3'" 
26  C  "C2'" . DG  A 2 ? 0.2496 0.2105 0.1808 -0.0443 -0.0067 -0.0348 2   DG  A "C2'" 
27  C  "C1'" . DG  A 2 ? 0.1808 0.2449 0.1741 -0.0093 0.0093  -0.0021 2   DG  A "C1'" 
28  N  N9    . DG  A 2 ? 0.1772 0.2686 0.1637 -0.0174 -0.0546 -0.0081 2   DG  A N9    
29  C  C8    . DG  A 2 ? 0.1972 0.2729 0.1924 0.0474  -0.0359 -0.0018 2   DG  A C8    
30  N  N7    . DG  A 2 ? 0.2019 0.2401 0.1475 0.0503  -0.0014 0.0368  2   DG  A N7    
31  C  C5    . DG  A 2 ? 0.1600 0.2230 0.1482 0.0705  -0.0119 0.0103  2   DG  A C5    
32  C  C6    . DG  A 2 ? 0.2150 0.2043 0.1354 0.0152  0.0273  0.0258  2   DG  A C6    
33  O  O6    . DG  A 2 ? 0.2670 0.1649 0.2439 -0.0121 -0.0571 0.0327  2   DG  A O6    
34  N  N1    . DG  A 2 ? 0.2168 0.2185 0.1138 -0.0051 -0.0182 0.0184  2   DG  A N1    
35  C  C2    . DG  A 2 ? 0.1515 0.2066 0.1452 -0.0460 -0.0344 0.0056  2   DG  A C2    
36  N  N2    . DG  A 2 ? 0.1708 0.1694 0.1567 -0.0271 -0.0356 -0.0322 2   DG  A N2    
37  N  N3    . DG  A 2 ? 0.1927 0.1605 0.1394 -0.0444 -0.0290 -0.0043 2   DG  A N3    
38  C  C4    . DG  A 2 ? 0.1327 0.2182 0.1320 0.0008  -0.0153 0.0025  2   DG  A C4    
39  P  P     A DC  A 3 ? 0.1637 0.1679 0.1320 -0.0238 0.0000  -0.0240 3   DC  A P     
40  P  P     B DC  A 3 ? 0.3860 0.3468 0.2792 -0.0628 0.0337  0.0305  3   DC  A P     
41  O  OP1   A DC  A 3 ? 0.2744 0.1296 0.2034 -0.0476 0.0690  -0.0173 3   DC  A OP1   
42  O  OP1   B DC  A 3 ? 0.6823 0.3343 0.5681 0.2073  0.0496  0.1419  3   DC  A OP1   
43  O  OP2   A DC  A 3 ? 0.1426 0.1781 0.1334 -0.0160 0.0265  -0.0036 3   DC  A OP2   
44  O  OP2   B DC  A 3 ? 0.5114 0.3930 0.5125 -0.0116 0.2747  -0.0678 3   DC  A OP2   
45  O  "O5'" . DC  A 3 ? 0.2163 0.2026 0.2248 -0.0165 0.0668  -0.0085 3   DC  A "O5'" 
46  C  "C5'" . DC  A 3 ? 0.1948 0.1757 0.1722 -0.0463 0.0205  -0.0501 3   DC  A "C5'" 
47  C  "C4'" . DC  A 3 ? 0.1379 0.1885 0.1468 -0.0152 -0.0038 0.0087  3   DC  A "C4'" 
48  O  "O4'" . DC  A 3 ? 0.1694 0.1988 0.1570 -0.0083 0.0050  -0.0046 3   DC  A "O4'" 
49  C  "C3'" . DC  A 3 ? 0.1433 0.1880 0.2154 -0.0353 -0.0161 0.0260  3   DC  A "C3'" 
50  O  "O3'" . DC  A 3 ? 0.2623 0.2075 0.2154 0.0083  -0.0175 0.0215  3   DC  A "O3'" 
51  C  "C2'" . DC  A 3 ? 0.1753 0.1798 0.2063 -0.0091 0.0074  -0.0055 3   DC  A "C2'" 
52  C  "C1'" . DC  A 3 ? 0.1656 0.1790 0.1584 -0.0056 -0.0196 0.0318  3   DC  A "C1'" 
53  N  N1    . DC  A 3 ? 0.1466 0.1635 0.1177 0.0024  0.0386  -0.0182 3   DC  A N1    
54  C  C2    . DC  A 3 ? 0.1398 0.1589 0.1629 -0.0445 0.0366  -0.0165 3   DC  A C2    
55  O  O2    . DC  A 3 ? 0.1641 0.1920 0.1661 -0.0100 0.0189  -0.0209 3   DC  A O2    
56  N  N3    . DC  A 3 ? 0.1381 0.1581 0.1602 -0.0183 0.0187  -0.0248 3   DC  A N3    
57  C  C4    . DC  A 3 ? 0.1636 0.2217 0.1677 -0.0132 0.0341  -0.0193 3   DC  A C4    
58  N  N4    . DC  A 3 ? 0.1680 0.2427 0.1791 -0.0070 -0.0057 0.0031  3   DC  A N4    
59  C  C5    . DC  A 3 ? 0.1607 0.1705 0.1556 0.0229  0.0176  0.0082  3   DC  A C5    
60  C  C6    . DC  A 3 ? 0.1513 0.1713 0.1371 0.0166  0.0529  0.0159  3   DC  A C6    
61  P  P     . DG  A 4 ? 0.1843 0.2238 0.2700 -0.0331 -0.0028 0.0419  4   DG  A P     
62  O  OP1   . DG  A 4 ? 0.1797 0.2241 0.3350 0.0248  0.0039  0.0777  4   DG  A OP1   
63  O  OP2   . DG  A 4 ? 0.3059 0.3110 0.2317 -0.0536 -0.0701 0.1035  4   DG  A OP2   
64  O  "O5'" . DG  A 4 ? 0.2346 0.1795 0.2885 -0.0513 0.0193  0.0147  4   DG  A "O5'" 
65  C  "C5'" . DG  A 4 ? 0.2250 0.2076 0.2069 -0.0092 -0.0136 -0.0294 4   DG  A "C5'" 
66  C  "C4'" . DG  A 4 ? 0.1568 0.2129 0.1988 0.0075  -0.0266 -0.0013 4   DG  A "C4'" 
67  O  "O4'" . DG  A 4 ? 0.1790 0.1853 0.1797 -0.0080 0.0029  -0.0119 4   DG  A "O4'" 
68  C  "C3'" . DG  A 4 ? 0.1966 0.1723 0.2106 0.0260  0.0220  -0.0271 4   DG  A "C3'" 
69  O  "O3'" . DG  A 4 ? 0.2422 0.1908 0.2190 -0.0103 0.0094  -0.0022 4   DG  A "O3'" 
70  C  "C2'" . DG  A 4 ? 0.1751 0.1999 0.2229 -0.0165 0.0098  -0.0211 4   DG  A "C2'" 
71  C  "C1'" . DG  A 4 ? 0.1725 0.2109 0.2050 0.0025  0.0077  -0.0451 4   DG  A "C1'" 
72  N  N9    . DG  A 4 ? 0.1860 0.1904 0.2325 -0.0156 -0.0010 -0.0488 4   DG  A N9    
73  C  C8    . DG  A 4 ? 0.2340 0.2195 0.2375 -0.0067 -0.0234 -0.0339 4   DG  A C8    
74  N  N7    . DG  A 4 ? 0.2343 0.2264 0.2115 -0.0275 -0.0198 -0.0521 4   DG  A N7    
75  C  C5    . DG  A 4 ? 0.1888 0.1688 0.1556 -0.0239 -0.0235 0.0097  4   DG  A C5    
76  C  C6    . DG  A 4 ? 0.1554 0.1931 0.1917 0.0390  -0.0113 -0.0330 4   DG  A C6    
77  O  O6    . DG  A 4 ? 0.2185 0.2029 0.2408 0.0395  -0.0640 -0.0279 4   DG  A O6    
78  N  N1    . DG  A 4 ? 0.1531 0.1479 0.1698 -0.0113 0.0133  -0.0131 4   DG  A N1    
79  C  C2    . DG  A 4 ? 0.1583 0.1865 0.1749 -0.0026 0.0124  0.0053  4   DG  A C2    
80  N  N2    . DG  A 4 ? 0.1544 0.1635 0.1506 0.0183  0.0431  0.0061  4   DG  A N2    
81  N  N3    . DG  A 4 ? 0.1064 0.1903 0.1895 -0.0298 0.0091  0.0064  4   DG  A N3    
82  C  C4    . DG  A 4 ? 0.1903 0.1391 0.1702 -0.0161 0.0323  0.0130  4   DG  A C4    
83  P  P     . DC  A 5 ? 0.2165 0.2402 0.2413 0.0341  0.0313  0.0104  5   DC  A P     
84  O  OP1   . DC  A 5 ? 0.3301 0.2269 0.3591 0.1157  0.0998  0.1194  5   DC  A OP1   
85  O  OP2   . DC  A 5 ? 0.2552 0.3860 0.1948 -0.0001 -0.0129 -0.0058 5   DC  A OP2   
86  O  "O5'" . DC  A 5 ? 0.2346 0.1749 0.2388 0.0240  0.0303  0.0016  5   DC  A "O5'" 
87  C  "C5'" . DC  A 5 ? 0.2640 0.2330 0.2575 -0.0200 0.0831  0.0055  5   DC  A "C5'" 
88  C  "C4'" . DC  A 5 ? 0.1873 0.2439 0.2119 -0.0538 0.1127  0.0061  5   DC  A "C4'" 
89  O  "O4'" . DC  A 5 ? 0.1698 0.1972 0.4008 0.0084  0.0934  0.0388  5   DC  A "O4'" 
90  C  "C3'" . DC  A 5 ? 0.2411 0.2343 0.2463 -0.0785 0.0870  0.0162  5   DC  A "C3'" 
91  O  "O3'" . DC  A 5 ? 0.3518 0.2641 0.3575 -0.0803 0.1001  -0.0574 5   DC  A "O3'" 
92  C  "C2'" . DC  A 5 ? 0.1490 0.1816 0.3030 -0.0134 0.0523  -0.0008 5   DC  A "C2'" 
93  C  "C1'" . DC  A 5 ? 0.1435 0.1965 0.2655 -0.0263 0.0681  0.0064  5   DC  A "C1'" 
94  N  N1    . DC  A 5 ? 0.1634 0.1713 0.3188 0.0199  0.0178  -0.0125 5   DC  A N1    
95  C  C2    . DC  A 5 ? 0.2306 0.1531 0.2865 0.0677  0.0833  -0.0401 5   DC  A C2    
96  O  O2    . DC  A 5 ? 0.2290 0.1822 0.2047 0.0361  0.0437  0.0123  5   DC  A O2    
97  N  N3    . DC  A 5 ? 0.1625 0.2114 0.3650 -0.0230 0.0209  -0.0176 5   DC  A N3    
98  C  C4    . DC  A 5 ? 0.0660 0.1906 0.2971 0.0154  0.0593  0.0091  5   DC  A C4    
99  N  N4    . DC  A 5 ? 0.1820 0.2326 0.3062 -0.0010 0.0211  0.0000  5   DC  A N4    
100 C  C5    . DC  A 5 ? 0.1827 0.1794 0.2568 0.0175  0.0154  -0.0109 5   DC  A C5    
101 C  C6    . DC  A 5 ? 0.1345 0.1934 0.2431 0.0159  0.0485  0.0054  5   DC  A C6    
102 P  P     . DG  A 6 ? 0.3527 0.4131 0.3980 -0.1904 0.0962  -0.0748 6   DG  A P     
103 O  OP1   . DG  A 6 ? 0.2482 0.7455 0.5513 -0.1892 0.0671  -0.1908 6   DG  A OP1   
104 O  OP2   . DG  A 6 ? 0.7650 0.4658 0.2614 -0.1303 0.0915  -0.0230 6   DG  A OP2   
105 O  "O5'" . DG  A 6 ? 0.3051 0.3550 0.2292 -0.0328 -0.0617 0.0008  6   DG  A "O5'" 
106 C  "C5'" . DG  A 6 ? 0.2964 0.3419 0.2158 -0.0626 -0.0772 -0.0134 6   DG  A "C5'" 
107 C  "C4'" . DG  A 6 ? 0.2929 0.2959 0.2102 -0.0478 -0.0281 -0.0354 6   DG  A "C4'" 
108 O  "O4'" . DG  A 6 ? 0.2303 0.2344 0.1599 0.0163  0.0159  -0.0035 6   DG  A "O4'" 
109 C  "C3'" . DG  A 6 ? 0.4160 0.4275 0.2571 -0.1915 0.0821  0.0016  6   DG  A "C3'" 
110 O  "O3'" . DG  A 6 ? 0.9661 1.0816 0.3571 -0.4640 -0.2885 0.2489  6   DG  A "O3'" 
111 C  "C2'" . DG  A 6 ? 0.2908 0.2381 0.2122 -0.0516 0.0747  0.0731  6   DG  A "C2'" 
112 C  "C1'" . DG  A 6 ? 0.2762 0.2219 0.1903 -0.0442 0.0137  0.0779  6   DG  A "C1'" 
113 N  N9    . DG  A 6 ? 0.1787 0.1554 0.1796 -0.0227 0.0298  0.0384  6   DG  A N9    
114 C  C8    . DG  A 6 ? 0.1836 0.1731 0.2021 -0.0371 0.0074  0.0365  6   DG  A C8    
115 N  N7    . DG  A 6 ? 0.1999 0.2011 0.2013 0.0138  -0.0044 0.0166  6   DG  A N7    
116 C  C5    . DG  A 6 ? 0.1637 0.1944 0.1303 -0.0136 0.0200  0.0168  6   DG  A C5    
117 C  C6    . DG  A 6 ? 0.1678 0.2145 0.1230 -0.0086 0.0128  0.0162  6   DG  A C6    
118 O  O6    . DG  A 6 ? 0.1689 0.1822 0.1780 0.0018  -0.0315 -0.0239 6   DG  A O6    
119 N  N1    . DG  A 6 ? 0.1273 0.2061 0.1686 0.0434  0.0088  0.0177  6   DG  A N1    
120 C  C2    . DG  A 6 ? 0.1593 0.1751 0.1550 0.0176  0.0386  0.0100  6   DG  A C2    
121 N  N2    . DG  A 6 ? 0.2163 0.1801 0.1492 -0.0002 -0.0078 -0.0215 6   DG  A N2    
122 N  N3    . DG  A 6 ? 0.1663 0.1675 0.1847 0.0287  0.0083  0.0043  6   DG  A N3    
123 C  C4    . DG  A 6 ? 0.1418 0.1753 0.1450 -0.0018 0.0161  0.0200  6   DG  A C4    
124 O  "O5'" . DC  B 1 ? 0.2522 0.3098 0.3823 -0.0783 -0.0449 0.1049  7   DC  B "O5'" 
125 C  "C5'" . DC  B 1 ? 0.2041 0.1971 0.3403 -0.0070 -0.0807 0.0888  7   DC  B "C5'" 
126 C  "C4'" . DC  B 1 ? 0.1473 0.2208 0.2074 -0.0061 0.0011  0.0274  7   DC  B "C4'" 
127 O  "O4'" . DC  B 1 ? 0.1572 0.2242 0.2251 0.0037  -0.0043 0.0437  7   DC  B "O4'" 
128 C  "C3'" . DC  B 1 ? 0.1781 0.1893 0.2028 0.0250  -0.0017 0.0136  7   DC  B "C3'" 
129 O  "O3'" . DC  B 1 ? 0.2309 0.1712 0.2050 0.0032  -0.0106 0.0345  7   DC  B "O3'" 
130 C  "C2'" . DC  B 1 ? 0.1466 0.1964 0.1898 -0.0135 0.0204  0.0245  7   DC  B "C2'" 
131 C  "C1'" . DC  B 1 ? 0.1344 0.1903 0.1876 -0.0082 -0.0080 0.0059  7   DC  B "C1'" 
132 N  N1    . DC  B 1 ? 0.1565 0.1946 0.1617 -0.0021 0.0213  0.0041  7   DC  B N1    
133 C  C2    . DC  B 1 ? 0.1192 0.2083 0.1766 -0.0182 -0.0143 0.0251  7   DC  B C2    
134 O  O2    . DC  B 1 ? 0.1759 0.1829 0.1907 -0.0062 -0.0145 -0.0030 7   DC  B O2    
135 N  N3    . DC  B 1 ? 0.1194 0.2148 0.1964 -0.0109 -0.0112 -0.0004 7   DC  B N3    
136 C  C4    . DC  B 1 ? 0.1657 0.1931 0.1665 0.0049  0.0274  0.0072  7   DC  B C4    
137 N  N4    . DC  B 1 ? 0.1185 0.2093 0.2180 -0.0011 -0.0607 -0.0351 7   DC  B N4    
138 C  C5    . DC  B 1 ? 0.0922 0.1975 0.1574 0.0142  -0.0135 -0.0012 7   DC  B C5    
139 C  C6    . DC  B 1 ? 0.1174 0.1559 0.1592 0.0016  -0.0024 0.0359  7   DC  B C6    
140 P  P     . DG  B 2 ? 0.2420 0.2028 0.2427 0.0142  0.0065  0.0191  8   DG  B P     
141 O  OP1   . DG  B 2 ? 0.2525 0.2169 0.2926 0.0015  0.0771  0.0192  8   DG  B OP1   
142 O  OP2   . DG  B 2 ? 0.3396 0.2501 0.2879 -0.0291 -0.0560 0.0095  8   DG  B OP2   
143 O  "O5'" . DG  B 2 ? 0.1948 0.1869 0.2141 -0.0241 0.0011  -0.0264 8   DG  B "O5'" 
144 C  "C5'" . DG  B 2 ? 0.1731 0.1728 0.2922 0.0146  -0.0487 0.0336  8   DG  B "C5'" 
145 C  "C4'" . DG  B 2 ? 0.1228 0.1857 0.1890 0.0214  -0.0173 -0.0188 8   DG  B "C4'" 
146 O  "O4'" . DG  B 2 ? 0.1619 0.2128 0.1929 0.0071  -0.0103 -0.0117 8   DG  B "O4'" 
147 C  "C3'" . DG  B 2 ? 0.1320 0.1822 0.2278 0.0365  -0.0039 0.0017  8   DG  B "C3'" 
148 O  "O3'" . DG  B 2 ? 0.1603 0.1607 0.3442 0.0271  -0.0092 -0.0101 8   DG  B "O3'" 
149 C  "C2'" . DG  B 2 ? 0.1756 0.1723 0.2342 -0.0227 0.0189  0.0019  8   DG  B "C2'" 
150 C  "C1'" . DG  B 2 ? 0.1874 0.2363 0.1735 0.0066  -0.0102 0.0102  8   DG  B "C1'" 
151 N  N9    . DG  B 2 ? 0.1636 0.1959 0.1913 0.0163  0.0144  0.0319  8   DG  B N9    
152 C  C8    . DG  B 2 ? 0.2118 0.2697 0.2148 0.0187  -0.0275 -0.0006 8   DG  B C8    
153 N  N7    . DG  B 2 ? 0.2440 0.2383 0.2233 -0.0081 0.0445  0.0538  8   DG  B N7    
154 C  C5    . DG  B 2 ? 0.2057 0.2619 0.1960 0.0213  -0.0068 -0.0009 8   DG  B C5    
155 C  C6    . DG  B 2 ? 0.1881 0.2608 0.2185 0.0356  0.0150  -0.0193 8   DG  B C6    
156 O  O6    . DG  B 2 ? 0.2359 0.2493 0.2727 -0.0046 0.0449  -0.0488 8   DG  B O6    
157 N  N1    . DG  B 2 ? 0.1252 0.1824 0.2174 0.0102  0.0265  -0.0102 8   DG  B N1    
158 C  C2    . DG  B 2 ? 0.1315 0.1659 0.2088 0.0126  0.0231  0.0068  8   DG  B C2    
159 N  N2    . DG  B 2 ? 0.1751 0.1601 0.2690 -0.0169 -0.0328 0.0272  8   DG  B N2    
160 N  N3    . DG  B 2 ? 0.1584 0.1683 0.2313 0.0167  -0.0242 0.0297  8   DG  B N3    
161 C  C4    . DG  B 2 ? 0.1175 0.1797 0.1911 -0.0234 0.0353  0.0359  8   DG  B C4    
162 P  P     . DC  B 3 ? 0.1974 0.2047 0.2482 0.0166  -0.0327 -0.0124 9   DC  B P     
163 O  OP1   . DC  B 3 ? 0.2285 0.2992 0.3446 -0.0599 -0.0647 0.1311  9   DC  B OP1   
164 O  OP2   . DC  B 3 ? 0.2756 0.2688 0.2634 0.0389  0.0125  -0.0551 9   DC  B OP2   
165 O  "O5'" . DC  B 3 ? 0.1294 0.1811 0.2298 -0.0143 -0.0214 0.0080  9   DC  B "O5'" 
166 C  "C5'" . DC  B 3 ? 0.1273 0.1945 0.1446 0.0245  -0.0075 -0.0050 9   DC  B "C5'" 
167 C  "C4'" . DC  B 3 ? 0.0950 0.1862 0.1606 -0.0055 -0.0233 -0.0137 9   DC  B "C4'" 
168 O  "O4'" . DC  B 3 ? 0.1356 0.1918 0.1647 -0.0322 0.0039  -0.0040 9   DC  B "O4'" 
169 C  "C3'" . DC  B 3 ? 0.1925 0.1814 0.1683 -0.0187 0.0156  -0.0097 9   DC  B "C3'" 
170 O  "O3'" . DC  B 3 ? 0.2154 0.2231 0.1970 -0.0089 -0.0160 0.0035  9   DC  B "O3'" 
171 C  "C2'" . DC  B 3 ? 0.1563 0.1776 0.1737 0.0064  -0.0079 -0.0031 9   DC  B "C2'" 
172 C  "C1'" . DC  B 3 ? 0.2076 0.1492 0.1347 -0.0167 0.0108  -0.0274 9   DC  B "C1'" 
173 N  N1    . DC  B 3 ? 0.1600 0.1650 0.1711 -0.0064 -0.0146 -0.0352 9   DC  B N1    
174 C  C2    . DC  B 3 ? 0.0784 0.1618 0.1893 -0.0274 0.0181  -0.0169 9   DC  B C2    
175 O  O2    . DC  B 3 ? 0.1835 0.1698 0.2283 0.0198  -0.0120 -0.0218 9   DC  B O2    
176 N  N3    . DC  B 3 ? 0.1223 0.1897 0.1855 -0.0198 0.0065  -0.0022 9   DC  B N3    
177 C  C4    . DC  B 3 ? 0.1168 0.1860 0.1747 -0.0231 -0.0134 -0.0047 9   DC  B C4    
178 N  N4    . DC  B 3 ? 0.1727 0.1746 0.1664 -0.0023 -0.0395 0.0123  9   DC  B N4    
179 C  C5    . DC  B 3 ? 0.1468 0.1779 0.1920 -0.0336 -0.0290 0.0267  9   DC  B C5    
180 C  C6    . DC  B 3 ? 0.0971 0.1851 0.1787 -0.0197 0.0252  -0.0131 9   DC  B C6    
181 P  P     . DG  B 4 ? 0.2254 0.2048 0.1992 -0.0220 0.0221  -0.0017 10  DG  B P     
182 O  OP1   . DG  B 4 ? 0.2290 0.2615 0.1956 -0.0533 0.0449  -0.0003 10  DG  B OP1   
183 O  OP2   . DG  B 4 ? 0.2513 0.2106 0.2559 -0.0277 -0.0238 0.0230  10  DG  B OP2   
184 O  "O5'" . DG  B 4 ? 0.1334 0.2282 0.2102 -0.0055 -0.0097 0.0000  10  DG  B "O5'" 
185 C  "C5'" . DG  B 4 ? 0.1462 0.2158 0.1669 0.0194  0.0023  -0.0070 10  DG  B "C5'" 
186 C  "C4'" . DG  B 4 ? 0.1705 0.2141 0.0915 0.0132  -0.0028 -0.0364 10  DG  B "C4'" 
187 O  "O4'" . DG  B 4 ? 0.1793 0.1915 0.1749 -0.0083 -0.0011 0.0072  10  DG  B "O4'" 
188 C  "C3'" . DG  B 4 ? 0.1751 0.2230 0.1873 0.0083  0.0063  -0.0701 10  DG  B "C3'" 
189 O  "O3'" . DG  B 4 ? 0.1629 0.2726 0.2011 -0.0001 -0.0133 -0.0592 10  DG  B "O3'" 
190 C  "C2'" . DG  B 4 ? 0.1650 0.2240 0.2059 -0.0188 -0.0078 -0.0675 10  DG  B "C2'" 
191 C  "C1'" . DG  B 4 ? 0.1768 0.1522 0.1575 -0.0086 0.0110  -0.0248 10  DG  B "C1'" 
192 N  N9    . DG  B 4 ? 0.1525 0.1648 0.1663 -0.0451 0.0074  -0.0142 10  DG  B N9    
193 C  C8    . DG  B 4 ? 0.2158 0.1574 0.1733 -0.0164 0.0504  -0.0021 10  DG  B C8    
194 N  N7    . DG  B 4 ? 0.1728 0.1980 0.2227 -0.0256 0.0009  -0.0270 10  DG  B N7    
195 C  C5    . DG  B 4 ? 0.1866 0.2045 0.1423 -0.0148 0.0447  -0.0132 10  DG  B C5    
196 C  C6    . DG  B 4 ? 0.0987 0.1609 0.1782 -0.0164 -0.0023 -0.0136 10  DG  B C6    
197 O  O6    . DG  B 4 ? 0.2005 0.2177 0.1960 0.0103  -0.0038 0.0102  10  DG  B O6    
198 N  N1    . DG  B 4 ? 0.1610 0.1649 0.1314 -0.0040 -0.0078 -0.0375 10  DG  B N1    
199 C  C2    . DG  B 4 ? 0.0790 0.2033 0.1669 0.0185  -0.0089 -0.0116 10  DG  B C2    
200 N  N2    . DG  B 4 ? 0.2050 0.1929 0.1518 0.0299  -0.0050 -0.0399 10  DG  B N2    
201 N  N3    . DG  B 4 ? 0.1839 0.1637 0.1868 -0.0103 -0.0073 -0.0019 10  DG  B N3    
202 C  C4    . DG  B 4 ? 0.0775 0.1606 0.1820 -0.0169 0.0055  -0.0252 10  DG  B C4    
203 P  P     . DC  B 5 ? 0.1858 0.2921 0.2120 -0.0045 -0.0188 -0.0083 11  DC  B P     
204 O  OP1   . DC  B 5 ? 0.1450 0.2308 0.2732 -0.0398 0.0047  -0.0181 11  DC  B OP1   
205 O  OP2   . DC  B 5 ? 0.2613 0.6195 0.2141 0.0563  -0.0621 -0.1093 11  DC  B OP2   
206 O  "O5'" . DC  B 5 ? 0.1794 0.2378 0.2049 0.0235  -0.0112 0.0008  11  DC  B "O5'" 
207 C  "C5'" . DC  B 5 ? 0.1954 0.2173 0.1948 0.0310  -0.0310 -0.0001 11  DC  B "C5'" 
208 C  "C4'" . DC  B 5 ? 0.1636 0.2161 0.1640 -0.0141 0.0193  0.0282  11  DC  B "C4'" 
209 O  "O4'" . DC  B 5 ? 0.1541 0.2668 0.1342 -0.0051 -0.0115 0.0375  11  DC  B "O4'" 
210 C  "C3'" . DC  B 5 ? 0.1389 0.2224 0.2143 -0.0092 0.0262  0.0751  11  DC  B "C3'" 
211 O  "O3'" . DC  B 5 ? 0.2073 0.2322 0.2272 -0.0218 -0.0203 0.0320  11  DC  B "O3'" 
212 C  "C2'" . DC  B 5 ? 0.1632 0.1951 0.1580 -0.0518 -0.0349 0.0013  11  DC  B "C2'" 
213 C  "C1'" . DC  B 5 ? 0.1592 0.2315 0.1306 0.0196  -0.0009 0.0162  11  DC  B "C1'" 
214 N  N1    . DC  B 5 ? 0.0797 0.1782 0.1394 -0.0036 -0.0051 -0.0077 11  DC  B N1    
215 C  C2    . DC  B 5 ? 0.1021 0.1665 0.1287 -0.0298 0.0066  0.0036  11  DC  B C2    
216 O  O2    . DC  B 5 ? 0.1301 0.1807 0.1460 -0.0271 -0.0429 -0.0013 11  DC  B O2    
217 N  N3    . DC  B 5 ? 0.1802 0.1377 0.1388 -0.0144 -0.0081 -0.0212 11  DC  B N3    
218 C  C4    . DC  B 5 ? 0.1288 0.1438 0.1437 -0.0251 0.0189  -0.0130 11  DC  B C4    
219 N  N4    . DC  B 5 ? 0.1779 0.1949 0.1189 -0.0205 0.0251  0.0103  11  DC  B N4    
220 C  C5    . DC  B 5 ? 0.0833 0.1854 0.1396 -0.0197 0.0275  -0.0042 11  DC  B C5    
221 C  C6    . DC  B 5 ? 0.1322 0.1760 0.1389 -0.0284 0.0287  -0.0074 11  DC  B C6    
222 P  P     . DG  B 6 ? 0.2036 0.2705 0.2591 -0.0046 -0.0293 0.0581  12  DG  B P     
223 O  OP1   . DG  B 6 ? 0.2878 0.3147 0.3068 0.0302  0.0378  0.1033  12  DG  B OP1   
224 O  OP2   . DG  B 6 ? 0.2754 0.2268 0.3363 -0.0287 -0.0690 0.0491  12  DG  B OP2   
225 O  "O5'" . DG  B 6 ? 0.1631 0.2815 0.2514 -0.0119 0.0072  0.0627  12  DG  B "O5'" 
226 C  "C5'" . DG  B 6 ? 0.2014 0.2174 0.2567 0.0226  0.0197  0.0507  12  DG  B "C5'" 
227 C  "C4'" . DG  B 6 ? 0.2258 0.2212 0.1176 -0.0003 0.0177  0.0546  12  DG  B "C4'" 
228 O  "O4'" . DG  B 6 ? 0.1999 0.2333 0.1691 -0.0174 0.0139  0.0310  12  DG  B "O4'" 
229 C  "C3'" . DG  B 6 ? 0.1942 0.2750 0.2103 0.0336  0.0372  0.0020  12  DG  B "C3'" 
230 O  "O3'" . DG  B 6 ? 0.2169 0.2663 0.3667 0.0139  0.0855  -0.0007 12  DG  B "O3'" 
231 C  "C2'" . DG  B 6 ? 0.2096 0.2612 0.1948 0.0792  -0.0440 0.0422  12  DG  B "C2'" 
232 C  "C1'" . DG  B 6 ? 0.1481 0.2372 0.1629 0.0151  -0.0374 0.0325  12  DG  B "C1'" 
233 N  N9    . DG  B 6 ? 0.1715 0.2252 0.1600 -0.0175 -0.0163 0.0179  12  DG  B N9    
234 C  C8    . DG  B 6 ? 0.2589 0.1851 0.1762 -0.0299 -0.0062 0.0499  12  DG  B C8    
235 N  N7    . DG  B 6 ? 0.2284 0.2082 0.2301 -0.0242 -0.0502 0.0430  12  DG  B N7    
236 C  C5    . DG  B 6 ? 0.1520 0.1934 0.1894 0.0002  -0.0016 0.0683  12  DG  B C5    
237 C  C6    . DG  B 6 ? 0.1724 0.2006 0.1398 -0.0482 -0.0315 0.0177  12  DG  B C6    
238 O  O6    . DG  B 6 ? 0.2200 0.2140 0.1408 -0.0556 -0.0136 -0.0010 12  DG  B O6    
239 N  N1    . DG  B 6 ? 0.1433 0.1635 0.1527 -0.0452 -0.0455 0.0186  12  DG  B N1    
240 C  C2    . DG  B 6 ? 0.1114 0.1828 0.1582 0.0046  0.0098  -0.0046 12  DG  B C2    
241 N  N2    . DG  B 6 ? 0.1443 0.2164 0.1334 0.0168  0.0115  0.0040  12  DG  B N2    
242 N  N3    . DG  B 6 ? 0.1487 0.2171 0.1600 -0.0017 -0.0058 0.0030  12  DG  B N3    
243 C  C4    . DG  B 6 ? 0.1046 0.1980 0.1755 -0.0193 -0.0305 0.0002  12  DG  B C4    
244 N  N1    . SR0 C . ? 0.2994 0.3700 0.8383 -0.0627 -0.1362 0.1324  101 SR0 A N1    
245 C  C2    . SR0 C . ? 0.3069 0.4980 0.3569 0.1537  0.0346  0.0669  101 SR0 A C2    
246 C  C3    . SR0 C . ? 0.3290 0.3768 0.3611 0.0663  0.0534  0.0276  101 SR0 A C3    
247 C  C4    . SR0 C . ? 0.2603 0.3542 0.3606 0.1649  -0.0445 0.1363  101 SR0 A C4    
248 C  C5    . SR0 C . ? 0.3597 0.3513 0.3478 0.0605  0.0058  0.1065  101 SR0 A C5    
249 N  N6    . SR0 C . ? 0.2742 0.3069 0.3296 0.0786  0.0150  -0.0591 101 SR0 A N6    
250 C  C7    . SR0 C . ? 0.5578 0.3638 0.3737 -0.0526 0.0985  -0.1537 101 SR0 A C7    
251 C  C8    . SR0 C . ? 0.8364 0.5590 0.6631 -0.1943 0.1688  -0.0022 101 SR0 A C8    
252 C  C9    . SR0 C . ? 1.2465 0.8473 0.9407 0.0057  -0.0686 0.0495  101 SR0 A C9    
253 N  N10   . SR0 C . ? 1.2472 0.8788 1.0232 0.1402  -0.0314 0.2216  101 SR0 A N10   
254 CA CA    . CA  D . ? 0.2196 0.2241 0.2272 0.0270  -0.0325 -0.0119 101 CA  B CA    
255 O  O     . HOH E . ? 0.2453 0.4070 0.3523 -0.0814 -0.0700 0.0169  201 HOH A O     
256 O  O     . HOH E . ? 0.2555 0.3738 0.3983 0.0466  0.1110  0.1036  202 HOH A O     
257 O  O     . HOH E . ? 0.4104 0.3825 0.3283 0.0673  -0.0902 0.0470  203 HOH A O     
258 O  O     . HOH E . ? 0.5485 0.5045 0.4204 0.0711  -0.1268 -0.1284 204 HOH A O     
259 O  O     . HOH E . ? 0.5100 0.6115 0.3735 -0.0282 0.1072  -0.0007 205 HOH A O     
260 O  O     . HOH E . ? 0.2008 0.2312 0.3547 0.0065  0.0182  -0.0037 206 HOH A O     
261 O  O     . HOH E . ? 0.7922 0.3817 0.4968 0.0662  -0.0395 0.1255  207 HOH A O     
262 O  O     . HOH E . ? 0.3447 0.2994 0.2558 0.0188  -0.0167 0.0494  208 HOH A O     
263 O  O     . HOH E . ? 0.6139 0.0960 0.9319 0.0371  -0.2020 -0.0751 209 HOH A O     
264 O  O     . HOH E . ? 0.5833 0.4183 0.3086 0.1042  -0.0125 0.0033  210 HOH A O     
265 O  O     . HOH E . ? 0.4024 0.3238 0.2603 0.0411  0.0285  -0.0221 211 HOH A O     
266 O  O     . HOH E . ? 0.2860 0.6107 0.6829 -0.0932 -0.1843 0.4091  212 HOH A O     
267 O  O     . HOH E . ? 0.2831 0.3851 0.2395 -0.0744 -0.0114 -0.0566 213 HOH A O     
268 O  O     . HOH E . ? 0.4496 0.3159 0.3370 -0.0591 0.0690  -0.0625 214 HOH A O     
269 O  O     . HOH E . ? 0.2424 0.2270 0.3027 0.0165  0.0005  -0.0527 215 HOH A O     
270 O  O     A HOH E . ? 0.5448 0.6734 0.3322 -0.1993 -0.2185 0.2731  216 HOH A O     
271 O  O     B HOH E . ? 0.3604 0.4405 0.5618 0.0126  -0.0080 -0.0820 216 HOH A O     
272 O  O     . HOH E . ? 0.3210 0.9196 0.6383 -0.0330 0.1156  -0.1182 217 HOH A O     
273 O  O     . HOH F . ? 0.2977 0.3686 0.4649 -0.0884 0.0196  -0.0490 201 HOH B O     
274 O  O     . HOH F . ? 0.6210 0.3462 0.2898 -0.1264 -0.0469 -0.0150 202 HOH B O     
275 O  O     . HOH F . ? 0.4030 0.3777 0.4081 0.0168  -0.1565 -0.0259 203 HOH B O     
276 O  O     . HOH F . ? 0.5339 0.3468 1.1336 0.1387  -0.2954 -0.0752 204 HOH B O     
277 O  O     . HOH F . ? 0.2996 0.3694 0.5111 0.0956  0.0860  0.0389  205 HOH B O     
278 O  O     . HOH F . ? 0.5051 0.7034 0.3201 -0.2454 0.0421  -0.0809 206 HOH B O     
279 O  O     . HOH F . ? 0.2198 0.3462 0.3108 -0.0057 0.0573  0.0784  207 HOH B O     
280 O  O     . HOH F . ? 0.3447 0.5366 0.3577 -0.0342 0.0328  0.0168  208 HOH B O     
281 O  O     . HOH F . ? 0.2612 0.3479 0.2786 0.0380  -0.0120 -0.0208 209 HOH B O     
282 O  O     . HOH F . ? 0.7397 0.5488 0.7476 0.0247  0.0771  -0.2580 210 HOH B O     
283 O  O     . HOH F . ? 0.3605 0.3343 0.2637 -0.1249 -0.0038 0.0267  211 HOH B O     
284 O  O     . HOH F . ? 0.2676 0.2476 0.1747 0.0606  0.0219  -0.0188 212 HOH B O     
285 O  O     . HOH F . ? 0.4059 0.2865 0.4838 -0.0196 -0.0768 -0.1376 213 HOH B O     
286 O  O     . HOH F . ? 0.4517 0.2154 0.3720 0.0102  -0.1937 -0.0250 214 HOH B O     
287 O  O     . HOH F . ? 0.4818 0.8477 0.2444 -0.0583 -0.0448 -0.1146 215 HOH B O     
288 O  O     . HOH F . ? 0.3714 1.1055 0.6790 -0.0325 0.1463  -0.5432 216 HOH B O     
289 O  O     . HOH F . ? 0.2661 0.2163 0.3455 0.0027  -0.0060 0.0218  217 HOH B O     
# 
loop_
_pdbx_poly_seq_scheme.asym_id 
_pdbx_poly_seq_scheme.entity_id 
_pdbx_poly_seq_scheme.seq_id 
_pdbx_poly_seq_scheme.mon_id 
_pdbx_poly_seq_scheme.ndb_seq_num 
_pdbx_poly_seq_scheme.pdb_seq_num 
_pdbx_poly_seq_scheme.auth_seq_num 
_pdbx_poly_seq_scheme.pdb_mon_id 
_pdbx_poly_seq_scheme.auth_mon_id 
_pdbx_poly_seq_scheme.pdb_strand_id 
_pdbx_poly_seq_scheme.pdb_ins_code 
_pdbx_poly_seq_scheme.hetero 
A 1 1 DC 1 1  1  DC DC A . n 
A 1 2 DG 2 2  2  DG DG A . n 
A 1 3 DC 3 3  3  DC DC A . n 
A 1 4 DG 4 4  4  DG DG A . n 
A 1 5 DC 5 5  5  DC DC A . n 
A 1 6 DG 6 6  6  DG DG A . n 
B 1 1 DC 1 7  7  DC DC B . n 
B 1 2 DG 2 8  8  DG DG B . n 
B 1 3 DC 3 9  9  DC DC B . n 
B 1 4 DG 4 10 10 DG DG B . n 
B 1 5 DC 5 11 11 DC DC B . n 
B 1 6 DG 6 12 12 DG DG B . n 
# 
loop_
_pdbx_nonpoly_scheme.asym_id 
_pdbx_nonpoly_scheme.entity_id 
_pdbx_nonpoly_scheme.mon_id 
_pdbx_nonpoly_scheme.ndb_seq_num 
_pdbx_nonpoly_scheme.pdb_seq_num 
_pdbx_nonpoly_scheme.auth_seq_num 
_pdbx_nonpoly_scheme.pdb_mon_id 
_pdbx_nonpoly_scheme.auth_mon_id 
_pdbx_nonpoly_scheme.pdb_strand_id 
_pdbx_nonpoly_scheme.pdb_ins_code 
C 2 SR0 1  101 101 SR0 SRZ A . 
D 3 CA  1  101 101 CA  CA  B . 
E 4 HOH 1  201 22  HOH HOH A . 
E 4 HOH 2  202 19  HOH HOH A . 
E 4 HOH 3  203 24  HOH HOH A . 
E 4 HOH 4  204 31  HOH HOH A . 
E 4 HOH 5  205 14  HOH HOH A . 
E 4 HOH 6  206 9   HOH HOH A . 
E 4 HOH 7  207 30  HOH HOH A . 
E 4 HOH 8  208 26  HOH HOH A . 
E 4 HOH 9  209 29  HOH HOH A . 
E 4 HOH 10 210 20  HOH HOH A . 
E 4 HOH 11 211 13  HOH HOH A . 
E 4 HOH 12 212 10  HOH HOH A . 
E 4 HOH 13 213 5   HOH HOH A . 
E 4 HOH 14 214 21  HOH HOH A . 
E 4 HOH 15 215 2   HOH HOH A . 
E 4 HOH 16 216 34  HOH HOH A . 
E 4 HOH 17 217 27  HOH HOH A . 
F 4 HOH 1  201 18  HOH HOH B . 
F 4 HOH 2  202 11  HOH HOH B . 
F 4 HOH 3  203 28  HOH HOH B . 
F 4 HOH 4  204 17  HOH HOH B . 
F 4 HOH 5  205 23  HOH HOH B . 
F 4 HOH 6  206 15  HOH HOH B . 
F 4 HOH 7  207 4   HOH HOH B . 
F 4 HOH 8  208 8   HOH HOH B . 
F 4 HOH 9  209 7   HOH HOH B . 
F 4 HOH 10 210 32  HOH HOH B . 
F 4 HOH 11 211 16  HOH HOH B . 
F 4 HOH 12 212 1   HOH HOH B . 
F 4 HOH 13 213 6   HOH HOH B . 
F 4 HOH 14 214 3   HOH HOH B . 
F 4 HOH 15 215 25  HOH HOH B . 
F 4 HOH 16 216 33  HOH HOH B . 
F 4 HOH 17 217 12  HOH HOH B . 
# 
_pdbx_struct_assembly.id                   1 
_pdbx_struct_assembly.details              author_and_software_defined_assembly 
_pdbx_struct_assembly.method_details       PISA 
_pdbx_struct_assembly.oligomeric_details   dimeric 
_pdbx_struct_assembly.oligomeric_count     2 
# 
_pdbx_struct_assembly_gen.assembly_id       1 
_pdbx_struct_assembly_gen.oper_expression   1 
_pdbx_struct_assembly_gen.asym_id_list      A,B,C,D,E,F 
# 
loop_
_pdbx_struct_assembly_prop.biol_id 
_pdbx_struct_assembly_prop.type 
_pdbx_struct_assembly_prop.value 
_pdbx_struct_assembly_prop.details 
1 'ABSA (A^2)' 950  ? 
1 MORE         -14  ? 
1 'SSA (A^2)'  2470 ? 
# 
_pdbx_struct_oper_list.id                   1 
_pdbx_struct_oper_list.type                 'identity operation' 
_pdbx_struct_oper_list.name                 1_555 
_pdbx_struct_oper_list.symmetry_operation   x,y,z 
_pdbx_struct_oper_list.matrix[1][1]         1.0000000000 
_pdbx_struct_oper_list.matrix[1][2]         0.0000000000 
_pdbx_struct_oper_list.matrix[1][3]         0.0000000000 
_pdbx_struct_oper_list.vector[1]            0.0000000000 
_pdbx_struct_oper_list.matrix[2][1]         0.0000000000 
_pdbx_struct_oper_list.matrix[2][2]         1.0000000000 
_pdbx_struct_oper_list.matrix[2][3]         0.0000000000 
_pdbx_struct_oper_list.vector[2]            0.0000000000 
_pdbx_struct_oper_list.matrix[3][1]         0.0000000000 
_pdbx_struct_oper_list.matrix[3][2]         0.0000000000 
_pdbx_struct_oper_list.matrix[3][3]         1.0000000000 
_pdbx_struct_oper_list.vector[3]            0.0000000000 
# 
loop_
_pdbx_struct_conn_angle.id 
_pdbx_struct_conn_angle.ptnr1_label_atom_id 
_pdbx_struct_conn_angle.ptnr1_label_alt_id 
_pdbx_struct_conn_angle.ptnr1_label_asym_id 
_pdbx_struct_conn_angle.ptnr1_label_comp_id 
_pdbx_struct_conn_angle.ptnr1_label_seq_id 
_pdbx_struct_conn_angle.ptnr1_auth_atom_id 
_pdbx_struct_conn_angle.ptnr1_auth_asym_id 
_pdbx_struct_conn_angle.ptnr1_auth_comp_id 
_pdbx_struct_conn_angle.ptnr1_auth_seq_id 
_pdbx_struct_conn_angle.ptnr1_PDB_ins_code 
_pdbx_struct_conn_angle.ptnr1_symmetry 
_pdbx_struct_conn_angle.ptnr2_label_atom_id 
_pdbx_struct_conn_angle.ptnr2_label_alt_id 
_pdbx_struct_conn_angle.ptnr2_label_asym_id 
_pdbx_struct_conn_angle.ptnr2_label_comp_id 
_pdbx_struct_conn_angle.ptnr2_label_seq_id 
_pdbx_struct_conn_angle.ptnr2_auth_atom_id 
_pdbx_struct_conn_angle.ptnr2_auth_asym_id 
_pdbx_struct_conn_angle.ptnr2_auth_comp_id 
_pdbx_struct_conn_angle.ptnr2_auth_seq_id 
_pdbx_struct_conn_angle.ptnr2_PDB_ins_code 
_pdbx_struct_conn_angle.ptnr2_symmetry 
_pdbx_struct_conn_angle.ptnr3_label_atom_id 
_pdbx_struct_conn_angle.ptnr3_label_alt_id 
_pdbx_struct_conn_angle.ptnr3_label_asym_id 
_pdbx_struct_conn_angle.ptnr3_label_comp_id 
_pdbx_struct_conn_angle.ptnr3_label_seq_id 
_pdbx_struct_conn_angle.ptnr3_auth_atom_id 
_pdbx_struct_conn_angle.ptnr3_auth_asym_id 
_pdbx_struct_conn_angle.ptnr3_auth_comp_id 
_pdbx_struct_conn_angle.ptnr3_auth_seq_id 
_pdbx_struct_conn_angle.ptnr3_PDB_ins_code 
_pdbx_struct_conn_angle.ptnr3_symmetry 
_pdbx_struct_conn_angle.value 
_pdbx_struct_conn_angle.value_esd 
1  O6  ? B DG  4 ? B DG  10  ? 1_555 CA ? D CA . ? B CA 101 ? 4_456 OP1 ? B DC  5 ? B DC  11  ? 1_555 61.5 ? 
2  O6  ? B DG  4 ? B DG  10  ? 1_555 CA ? D CA . ? B CA 101 ? 4_456 O6  ? B DG  6 ? B DG  12  ? 1_555 59.3 ? 
3  OP1 ? B DC  5 ? B DC  11  ? 1_555 CA ? D CA . ? B CA 101 ? 4_456 O6  ? B DG  6 ? B DG  12  ? 1_555 22.0 ? 
4  O6  ? B DG  4 ? B DG  10  ? 1_555 CA ? D CA . ? B CA 101 ? 4_456 O   ? F HOH . ? B HOH 212 ? 1_555 71.7 ? 
5  OP1 ? B DC  5 ? B DC  11  ? 1_555 CA ? D CA . ? B CA 101 ? 4_456 O   ? F HOH . ? B HOH 212 ? 1_555 21.7 ? 
6  O6  ? B DG  6 ? B DG  12  ? 1_555 CA ? D CA . ? B CA 101 ? 4_456 O   ? F HOH . ? B HOH 212 ? 1_555 13.0 ? 
7  O6  ? B DG  4 ? B DG  10  ? 1_555 CA ? D CA . ? B CA 101 ? 4_456 O   ? F HOH . ? B HOH 214 ? 1_555 74.7 ? 
8  OP1 ? B DC  5 ? B DC  11  ? 1_555 CA ? D CA . ? B CA 101 ? 4_456 O   ? F HOH . ? B HOH 214 ? 1_555 18.8 ? 
9  O6  ? B DG  6 ? B DG  12  ? 1_555 CA ? D CA . ? B CA 101 ? 4_456 O   ? F HOH . ? B HOH 214 ? 1_555 18.2 ? 
10 O   ? F HOH . ? B HOH 212 ? 1_555 CA ? D CA . ? B CA 101 ? 4_456 O   ? F HOH . ? B HOH 214 ? 1_555 6.9  ? 
# 
loop_
_pdbx_audit_revision_history.ordinal 
_pdbx_audit_revision_history.data_content_type 
_pdbx_audit_revision_history.major_revision 
_pdbx_audit_revision_history.minor_revision 
_pdbx_audit_revision_history.revision_date 
1 'Structure model' 1 0 2017-12-20 
2 'Structure model' 1 1 2018-01-10 
3 'Structure model' 1 2 2018-02-28 
4 'Structure model' 1 3 2023-10-04 
# 
_pdbx_audit_revision_details.ordinal             1 
_pdbx_audit_revision_details.revision_ordinal    1 
_pdbx_audit_revision_details.data_content_type   'Structure model' 
_pdbx_audit_revision_details.provider            repository 
_pdbx_audit_revision_details.type                'Initial release' 
_pdbx_audit_revision_details.description         ? 
_pdbx_audit_revision_details.details             ? 
# 
loop_
_pdbx_audit_revision_group.ordinal 
_pdbx_audit_revision_group.revision_ordinal 
_pdbx_audit_revision_group.data_content_type 
_pdbx_audit_revision_group.group 
1 2 'Structure model' 'Database references'    
2 3 'Structure model' 'Database references'    
3 4 'Structure model' 'Data collection'        
4 4 'Structure model' 'Database references'    
5 4 'Structure model' 'Derived calculations'   
6 4 'Structure model' 'Refinement description' 
# 
loop_
_pdbx_audit_revision_category.ordinal 
_pdbx_audit_revision_category.revision_ordinal 
_pdbx_audit_revision_category.data_content_type 
_pdbx_audit_revision_category.category 
1 2 'Structure model' citation                      
2 2 'Structure model' citation_author               
3 3 'Structure model' citation                      
4 4 'Structure model' chem_comp_atom                
5 4 'Structure model' chem_comp_bond                
6 4 'Structure model' database_2                    
7 4 'Structure model' pdbx_initial_refinement_model 
8 4 'Structure model' pdbx_struct_conn_angle        
9 4 'Structure model' struct_conn                   
# 
loop_
_pdbx_audit_revision_item.ordinal 
_pdbx_audit_revision_item.revision_ordinal 
_pdbx_audit_revision_item.data_content_type 
_pdbx_audit_revision_item.item 
1  2 'Structure model' '_citation.country'                           
2  2 'Structure model' '_citation.journal_abbrev'                    
3  2 'Structure model' '_citation.journal_id_ASTM'                   
4  2 'Structure model' '_citation.journal_id_CSD'                    
5  2 'Structure model' '_citation.journal_id_ISSN'                   
6  2 'Structure model' '_citation.pdbx_database_id_DOI'              
7  2 'Structure model' '_citation.pdbx_database_id_PubMed'           
8  2 'Structure model' '_citation.title'                             
9  2 'Structure model' '_citation.year'                              
10 2 'Structure model' '_citation_author.name'                       
11 3 'Structure model' '_citation.journal_volume'                    
12 3 'Structure model' '_citation.page_first'                        
13 3 'Structure model' '_citation.page_last'                         
14 3 'Structure model' '_citation.title'                             
15 3 'Structure model' '_citation.year'                              
16 4 'Structure model' '_database_2.pdbx_DOI'                        
17 4 'Structure model' '_database_2.pdbx_database_accession'         
18 4 'Structure model' '_pdbx_struct_conn_angle.ptnr1_auth_comp_id'  
19 4 'Structure model' '_pdbx_struct_conn_angle.ptnr1_auth_seq_id'   
20 4 'Structure model' '_pdbx_struct_conn_angle.ptnr1_label_asym_id' 
21 4 'Structure model' '_pdbx_struct_conn_angle.ptnr1_label_atom_id' 
22 4 'Structure model' '_pdbx_struct_conn_angle.ptnr1_label_comp_id' 
23 4 'Structure model' '_pdbx_struct_conn_angle.ptnr1_label_seq_id'  
24 4 'Structure model' '_pdbx_struct_conn_angle.ptnr2_symmetry'      
25 4 'Structure model' '_pdbx_struct_conn_angle.ptnr3_auth_comp_id'  
26 4 'Structure model' '_pdbx_struct_conn_angle.ptnr3_auth_seq_id'   
27 4 'Structure model' '_pdbx_struct_conn_angle.ptnr3_label_asym_id' 
28 4 'Structure model' '_pdbx_struct_conn_angle.ptnr3_label_atom_id' 
29 4 'Structure model' '_pdbx_struct_conn_angle.ptnr3_label_comp_id' 
30 4 'Structure model' '_pdbx_struct_conn_angle.ptnr3_label_seq_id'  
31 4 'Structure model' '_pdbx_struct_conn_angle.value'               
32 4 'Structure model' '_struct_conn.pdbx_dist_value'                
33 4 'Structure model' '_struct_conn.ptnr1_auth_comp_id'             
34 4 'Structure model' '_struct_conn.ptnr1_auth_seq_id'              
35 4 'Structure model' '_struct_conn.ptnr1_label_asym_id'            
36 4 'Structure model' '_struct_conn.ptnr1_label_atom_id'            
37 4 'Structure model' '_struct_conn.ptnr1_label_comp_id'            
38 4 'Structure model' '_struct_conn.ptnr1_label_seq_id'             
39 4 'Structure model' '_struct_conn.ptnr2_auth_comp_id'             
40 4 'Structure model' '_struct_conn.ptnr2_auth_seq_id'              
41 4 'Structure model' '_struct_conn.ptnr2_label_asym_id'            
42 4 'Structure model' '_struct_conn.ptnr2_label_atom_id'            
43 4 'Structure model' '_struct_conn.ptnr2_label_comp_id'            
44 4 'Structure model' '_struct_conn.ptnr2_symmetry'                 
# 
loop_
_software.citation_id 
_software.classification 
_software.compiler_name 
_software.compiler_version 
_software.contact_author 
_software.contact_author_email 
_software.date 
_software.description 
_software.dependencies 
_software.hardware 
_software.language 
_software.location 
_software.mods 
_software.name 
_software.os 
_software.os_version 
_software.type 
_software.version 
_software.pdbx_ordinal 
? refinement       ? ? ? ? ? ? ? ? ? ? ? REFMAC   ? ? ? 5.8.0103 1 
? 'data reduction' ? ? ? ? ? ? ? ? ? ? ? HKL-2000 ? ? ? .        2 
? 'data scaling'   ? ? ? ? ? ? ? ? ? ? ? HKL-2000 ? ? ? .        3 
? phasing          ? ? ? ? ? ? ? ? ? ? ? PHASER   ? ? ? .        4 
# 
loop_
_chem_comp_atom.comp_id 
_chem_comp_atom.atom_id 
_chem_comp_atom.type_symbol 
_chem_comp_atom.pdbx_aromatic_flag 
_chem_comp_atom.pdbx_stereo_config 
_chem_comp_atom.pdbx_ordinal 
CA  CA     CA N N 1   
DC  OP3    O  N N 2   
DC  P      P  N N 3   
DC  OP1    O  N N 4   
DC  OP2    O  N N 5   
DC  "O5'"  O  N N 6   
DC  "C5'"  C  N N 7   
DC  "C4'"  C  N R 8   
DC  "O4'"  O  N N 9   
DC  "C3'"  C  N S 10  
DC  "O3'"  O  N N 11  
DC  "C2'"  C  N N 12  
DC  "C1'"  C  N R 13  
DC  N1     N  N N 14  
DC  C2     C  N N 15  
DC  O2     O  N N 16  
DC  N3     N  N N 17  
DC  C4     C  N N 18  
DC  N4     N  N N 19  
DC  C5     C  N N 20  
DC  C6     C  N N 21  
DC  HOP3   H  N N 22  
DC  HOP2   H  N N 23  
DC  "H5'"  H  N N 24  
DC  "H5''" H  N N 25  
DC  "H4'"  H  N N 26  
DC  "H3'"  H  N N 27  
DC  "HO3'" H  N N 28  
DC  "H2'"  H  N N 29  
DC  "H2''" H  N N 30  
DC  "H1'"  H  N N 31  
DC  H41    H  N N 32  
DC  H42    H  N N 33  
DC  H5     H  N N 34  
DC  H6     H  N N 35  
DG  OP3    O  N N 36  
DG  P      P  N N 37  
DG  OP1    O  N N 38  
DG  OP2    O  N N 39  
DG  "O5'"  O  N N 40  
DG  "C5'"  C  N N 41  
DG  "C4'"  C  N R 42  
DG  "O4'"  O  N N 43  
DG  "C3'"  C  N S 44  
DG  "O3'"  O  N N 45  
DG  "C2'"  C  N N 46  
DG  "C1'"  C  N R 47  
DG  N9     N  Y N 48  
DG  C8     C  Y N 49  
DG  N7     N  Y N 50  
DG  C5     C  Y N 51  
DG  C6     C  N N 52  
DG  O6     O  N N 53  
DG  N1     N  N N 54  
DG  C2     C  N N 55  
DG  N2     N  N N 56  
DG  N3     N  N N 57  
DG  C4     C  Y N 58  
DG  HOP3   H  N N 59  
DG  HOP2   H  N N 60  
DG  "H5'"  H  N N 61  
DG  "H5''" H  N N 62  
DG  "H4'"  H  N N 63  
DG  "H3'"  H  N N 64  
DG  "HO3'" H  N N 65  
DG  "H2'"  H  N N 66  
DG  "H2''" H  N N 67  
DG  "H1'"  H  N N 68  
DG  H8     H  N N 69  
DG  H1     H  N N 70  
DG  H21    H  N N 71  
DG  H22    H  N N 72  
HOH O      O  N N 73  
HOH H1     H  N N 74  
HOH H2     H  N N 75  
SR0 N1     N  N N 76  
SR0 C2     C  N N 77  
SR0 C3     C  N N 78  
SR0 C4     C  N N 79  
SR0 C5     C  N N 80  
SR0 N6     N  N N 81  
SR0 C7     C  N N 82  
SR0 C8     C  N N 83  
SR0 C9     C  N N 84  
SR0 N10    N  N N 85  
SR0 H1     H  N N 86  
SR0 H2     H  N N 87  
SR0 H3     H  N N 88  
SR0 H4     H  N N 89  
SR0 H5     H  N N 90  
SR0 H6     H  N N 91  
SR0 H7     H  N N 92  
SR0 H8     H  N N 93  
SR0 H9     H  N N 94  
SR0 H10    H  N N 95  
SR0 H11    H  N N 96  
SR0 H12    H  N N 97  
SR0 H13    H  N N 98  
SR0 H14    H  N N 99  
SR0 H15    H  N N 100 
SR0 H16    H  N N 101 
SR0 H17    H  N N 102 
SR0 H18    H  N N 103 
SR0 H19    H  N N 104 
SR0 H20    H  N N 105 
SR0 H21    H  N N 106 
SR0 H22    H  N N 107 
# 
loop_
_chem_comp_bond.comp_id 
_chem_comp_bond.atom_id_1 
_chem_comp_bond.atom_id_2 
_chem_comp_bond.value_order 
_chem_comp_bond.pdbx_aromatic_flag 
_chem_comp_bond.pdbx_stereo_config 
_chem_comp_bond.pdbx_ordinal 
DC  OP3   P      sing N N 1   
DC  OP3   HOP3   sing N N 2   
DC  P     OP1    doub N N 3   
DC  P     OP2    sing N N 4   
DC  P     "O5'"  sing N N 5   
DC  OP2   HOP2   sing N N 6   
DC  "O5'" "C5'"  sing N N 7   
DC  "C5'" "C4'"  sing N N 8   
DC  "C5'" "H5'"  sing N N 9   
DC  "C5'" "H5''" sing N N 10  
DC  "C4'" "O4'"  sing N N 11  
DC  "C4'" "C3'"  sing N N 12  
DC  "C4'" "H4'"  sing N N 13  
DC  "O4'" "C1'"  sing N N 14  
DC  "C3'" "O3'"  sing N N 15  
DC  "C3'" "C2'"  sing N N 16  
DC  "C3'" "H3'"  sing N N 17  
DC  "O3'" "HO3'" sing N N 18  
DC  "C2'" "C1'"  sing N N 19  
DC  "C2'" "H2'"  sing N N 20  
DC  "C2'" "H2''" sing N N 21  
DC  "C1'" N1     sing N N 22  
DC  "C1'" "H1'"  sing N N 23  
DC  N1    C2     sing N N 24  
DC  N1    C6     sing N N 25  
DC  C2    O2     doub N N 26  
DC  C2    N3     sing N N 27  
DC  N3    C4     doub N N 28  
DC  C4    N4     sing N N 29  
DC  C4    C5     sing N N 30  
DC  N4    H41    sing N N 31  
DC  N4    H42    sing N N 32  
DC  C5    C6     doub N N 33  
DC  C5    H5     sing N N 34  
DC  C6    H6     sing N N 35  
DG  OP3   P      sing N N 36  
DG  OP3   HOP3   sing N N 37  
DG  P     OP1    doub N N 38  
DG  P     OP2    sing N N 39  
DG  P     "O5'"  sing N N 40  
DG  OP2   HOP2   sing N N 41  
DG  "O5'" "C5'"  sing N N 42  
DG  "C5'" "C4'"  sing N N 43  
DG  "C5'" "H5'"  sing N N 44  
DG  "C5'" "H5''" sing N N 45  
DG  "C4'" "O4'"  sing N N 46  
DG  "C4'" "C3'"  sing N N 47  
DG  "C4'" "H4'"  sing N N 48  
DG  "O4'" "C1'"  sing N N 49  
DG  "C3'" "O3'"  sing N N 50  
DG  "C3'" "C2'"  sing N N 51  
DG  "C3'" "H3'"  sing N N 52  
DG  "O3'" "HO3'" sing N N 53  
DG  "C2'" "C1'"  sing N N 54  
DG  "C2'" "H2'"  sing N N 55  
DG  "C2'" "H2''" sing N N 56  
DG  "C1'" N9     sing N N 57  
DG  "C1'" "H1'"  sing N N 58  
DG  N9    C8     sing Y N 59  
DG  N9    C4     sing Y N 60  
DG  C8    N7     doub Y N 61  
DG  C8    H8     sing N N 62  
DG  N7    C5     sing Y N 63  
DG  C5    C6     sing N N 64  
DG  C5    C4     doub Y N 65  
DG  C6    O6     doub N N 66  
DG  C6    N1     sing N N 67  
DG  N1    C2     sing N N 68  
DG  N1    H1     sing N N 69  
DG  C2    N2     sing N N 70  
DG  C2    N3     doub N N 71  
DG  N2    H21    sing N N 72  
DG  N2    H22    sing N N 73  
DG  N3    C4     sing N N 74  
HOH O     H1     sing N N 75  
HOH O     H2     sing N N 76  
SR0 N1    C2     sing N N 77  
SR0 C2    C3     sing N N 78  
SR0 C3    C4     sing N N 79  
SR0 C4    C5     sing N N 80  
SR0 C5    N6     sing N N 81  
SR0 N6    C7     sing N N 82  
SR0 C7    C8     sing N N 83  
SR0 C9    C8     sing N N 84  
SR0 C9    N10    sing N N 85  
SR0 N1    H1     sing N N 86  
SR0 N1    H2     sing N N 87  
SR0 N1    H3     sing N N 88  
SR0 C2    H4     sing N N 89  
SR0 C2    H5     sing N N 90  
SR0 C3    H6     sing N N 91  
SR0 C3    H7     sing N N 92  
SR0 C4    H8     sing N N 93  
SR0 C4    H9     sing N N 94  
SR0 C5    H10    sing N N 95  
SR0 C5    H11    sing N N 96  
SR0 N6    H12    sing N N 97  
SR0 N6    H13    sing N N 98  
SR0 C7    H14    sing N N 99  
SR0 C7    H15    sing N N 100 
SR0 C8    H16    sing N N 101 
SR0 C8    H17    sing N N 102 
SR0 C9    H18    sing N N 103 
SR0 C9    H19    sing N N 104 
SR0 N10   H20    sing N N 105 
SR0 N10   H21    sing N N 106 
SR0 N10   H22    sing N N 107 
# 
loop_
_ndb_struct_conf_na.entry_id 
_ndb_struct_conf_na.feature 
6BST 'double helix'        
6BST 'z-form double helix' 
# 
loop_
_ndb_struct_na_base_pair.model_number 
_ndb_struct_na_base_pair.i_label_asym_id 
_ndb_struct_na_base_pair.i_label_comp_id 
_ndb_struct_na_base_pair.i_label_seq_id 
_ndb_struct_na_base_pair.i_symmetry 
_ndb_struct_na_base_pair.j_label_asym_id 
_ndb_struct_na_base_pair.j_label_comp_id 
_ndb_struct_na_base_pair.j_label_seq_id 
_ndb_struct_na_base_pair.j_symmetry 
_ndb_struct_na_base_pair.shear 
_ndb_struct_na_base_pair.stretch 
_ndb_struct_na_base_pair.stagger 
_ndb_struct_na_base_pair.buckle 
_ndb_struct_na_base_pair.propeller 
_ndb_struct_na_base_pair.opening 
_ndb_struct_na_base_pair.pair_number 
_ndb_struct_na_base_pair.pair_name 
_ndb_struct_na_base_pair.i_auth_asym_id 
_ndb_struct_na_base_pair.i_auth_seq_id 
_ndb_struct_na_base_pair.i_PDB_ins_code 
_ndb_struct_na_base_pair.j_auth_asym_id 
_ndb_struct_na_base_pair.j_auth_seq_id 
_ndb_struct_na_base_pair.j_PDB_ins_code 
_ndb_struct_na_base_pair.hbond_type_28 
_ndb_struct_na_base_pair.hbond_type_12 
1 A DC 1 1_555 B DG 6 1_555 -0.269 -0.157 -0.052 -1.088 -2.349 0.745  1 A_DC1:DG12_B A 1 ? B 12 ? 19 1 
1 A DG 2 1_555 B DC 5 1_555 0.300  -0.163 0.278  3.423  5.530  0.837  2 A_DG2:DC11_B A 2 ? B 11 ? 19 1 
1 A DC 3 1_555 B DG 4 1_555 -0.390 -0.196 0.173  2.842  1.573  1.432  3 A_DC3:DG10_B A 3 ? B 10 ? 19 1 
1 A DG 4 1_555 B DC 3 1_555 0.238  -0.140 0.019  -3.715 1.437  -0.482 4 A_DG4:DC9_B  A 4 ? B 9  ? 19 1 
1 A DC 5 1_555 B DG 2 1_555 -0.223 -0.164 0.058  9.702  6.960  1.646  5 A_DC5:DG8_B  A 5 ? B 8  ? 19 1 
1 A DG 6 1_555 B DC 1 1_555 -0.202 -0.130 0.067  12.497 2.078  -1.061 6 A_DG6:DC7_B  A 6 ? B 7  ? 19 1 
# 
loop_
_ndb_struct_na_base_pair_step.model_number 
_ndb_struct_na_base_pair_step.i_label_asym_id_1 
_ndb_struct_na_base_pair_step.i_label_comp_id_1 
_ndb_struct_na_base_pair_step.i_label_seq_id_1 
_ndb_struct_na_base_pair_step.i_symmetry_1 
_ndb_struct_na_base_pair_step.j_label_asym_id_1 
_ndb_struct_na_base_pair_step.j_label_comp_id_1 
_ndb_struct_na_base_pair_step.j_label_seq_id_1 
_ndb_struct_na_base_pair_step.j_symmetry_1 
_ndb_struct_na_base_pair_step.i_label_asym_id_2 
_ndb_struct_na_base_pair_step.i_label_comp_id_2 
_ndb_struct_na_base_pair_step.i_label_seq_id_2 
_ndb_struct_na_base_pair_step.i_symmetry_2 
_ndb_struct_na_base_pair_step.j_label_asym_id_2 
_ndb_struct_na_base_pair_step.j_label_comp_id_2 
_ndb_struct_na_base_pair_step.j_label_seq_id_2 
_ndb_struct_na_base_pair_step.j_symmetry_2 
_ndb_struct_na_base_pair_step.shift 
_ndb_struct_na_base_pair_step.slide 
_ndb_struct_na_base_pair_step.rise 
_ndb_struct_na_base_pair_step.tilt 
_ndb_struct_na_base_pair_step.roll 
_ndb_struct_na_base_pair_step.twist 
_ndb_struct_na_base_pair_step.x_displacement 
_ndb_struct_na_base_pair_step.y_displacement 
_ndb_struct_na_base_pair_step.helical_rise 
_ndb_struct_na_base_pair_step.inclination 
_ndb_struct_na_base_pair_step.tip 
_ndb_struct_na_base_pair_step.helical_twist 
_ndb_struct_na_base_pair_step.step_number 
_ndb_struct_na_base_pair_step.step_name 
_ndb_struct_na_base_pair_step.i_auth_asym_id_1 
_ndb_struct_na_base_pair_step.i_auth_seq_id_1 
_ndb_struct_na_base_pair_step.i_PDB_ins_code_1 
_ndb_struct_na_base_pair_step.j_auth_asym_id_1 
_ndb_struct_na_base_pair_step.j_auth_seq_id_1 
_ndb_struct_na_base_pair_step.j_PDB_ins_code_1 
_ndb_struct_na_base_pair_step.i_auth_asym_id_2 
_ndb_struct_na_base_pair_step.i_auth_seq_id_2 
_ndb_struct_na_base_pair_step.i_PDB_ins_code_2 
_ndb_struct_na_base_pair_step.j_auth_asym_id_2 
_ndb_struct_na_base_pair_step.j_auth_seq_id_2 
_ndb_struct_na_base_pair_step.j_PDB_ins_code_2 
1 A DC 1 1_555 B DG 6 1_555 A DG 2 1_555 B DC 5 1_555 0.003  5.126  3.333 1.274 -1.240 -12.147 -22.277 1.751  3.814 5.818  5.979 
-12.276 1 AA_DC1DG2:DC11DG12_BB A 1 ? B 12 ? A 2 ? B 11 ? 
1 A DG 2 1_555 B DC 5 1_555 A DC 3 1_555 B DG 4 1_555 -0.187 -1.043 3.370 0.754 -4.068 -53.620 1.411   -0.159 3.290 4.502  0.834 
-53.768 2 AA_DG2DC3:DG10DC11_BB A 2 ? B 11 ? A 3 ? B 10 ? 
1 A DC 3 1_555 B DG 4 1_555 A DG 4 1_555 B DC 3 1_555 -0.095 5.446  3.622 0.972 0.946  -8.892  -36.965 1.691  3.020 -6.055 6.224 
-8.994  3 AA_DC3DG4:DC9DG10_BB  A 3 ? B 10 ? A 4 ? B 9  ? 
1 A DG 4 1_555 B DC 3 1_555 A DC 5 1_555 B DG 2 1_555 -0.069 -0.844 3.172 2.297 -2.019 -47.840 1.193   0.090  3.135 2.486  2.829 
-47.932 4 AA_DG4DC5:DG8DC9_BB   A 4 ? B 9  ? A 5 ? B 8  ? 
# 
loop_
_pdbx_entity_nonpoly.entity_id 
_pdbx_entity_nonpoly.name 
_pdbx_entity_nonpoly.comp_id 
2 'N~1~-(3-azaniumylpropyl)butane-1,4-diaminium' SR0 
3 'CALCIUM ION'                                  CA  
4 water                                          HOH 
# 
_pdbx_initial_refinement_model.id               1 
_pdbx_initial_refinement_model.entity_id_list   ? 
_pdbx_initial_refinement_model.type             'experimental model' 
_pdbx_initial_refinement_model.source_name      PDB 
_pdbx_initial_refinement_model.accession_code   3P4J 
_pdbx_initial_refinement_model.details          ? 
# 
_pdbx_struct_assembly_auth_evidence.id                     1 
_pdbx_struct_assembly_auth_evidence.assembly_id            1 
_pdbx_struct_assembly_auth_evidence.experimental_support   none 
_pdbx_struct_assembly_auth_evidence.details                ? 
# 
